data_3APO
#
_entry.id   3APO
#
_cell.length_a   91.100
_cell.length_b   53.400
_cell.length_c   92.300
_cell.angle_alpha   90.00
_cell.angle_beta   113.40
_cell.angle_gamma   90.00
#
_symmetry.space_group_name_H-M   'P 1 21 1'
#
loop_
_entity.id
_entity.type
_entity.pdbx_description
1 polymer 'DnaJ homolog subfamily C member 10'
2 water water
#
_entity_poly.entity_id   1
_entity_poly.type   'polypeptide(L)'
_entity_poly.pdbx_seq_one_letter_code
;MGSSHHHHHHSSGHIEGRHDQNFYSLLGVSKTASSREIRQAFKKLALKLHPDKNPNNPNAHGDFLKINRAYEVLKDEDLR
KKYDKYGEKGLEDNQGGQYESWSYYRYDFGIYDDDPEIITLERREFDAAVNSGELWFVNFYSPGSSHSHDLAPTWREFAK
EVDGLLRIGAVNCGDDRMLCRMKGVNSYPSLFIFRSGMAAVKYNGDRSKESLVAFAMQHVRSTVTELSTGNFVNAIETAF
AAGVGWLITFCSKGEDCLTSQTRLRLSGMLDGLVNVGWVDCDAQDSLCKSLDTTASTTAYFPPGATLNDREKSSVLFLNS
LDAKEIYMEIIHNLPDFELLSANQLEDRLAHHRWLVFFHFGKNENANDPELKKLKTLLKNEHIQVVRFDCSSAPGICSDL
YVFQPSLAVFKGQGTKEYEIHHGKKILYDILAFAKESVNSHVTTLGPQNFPASDKEPWLVDFFAPWSPPSRALLPELRKA
STLLYGQLKVGTLDCTIHEGLCNMYNIQAYPTTVVFNQSSIHEYEGHHSAEQILEFIEDLRNPSVVSLTPSTFNELVKQR
KHDEVWMVDFYSPWSHPSQVLMPEWKRMARTLTGLINVGSVDCGQYHSFCTQENVQRYPEIRFYPQKSSKAYQYHSYNGW
NRDAYSLRSWGLGFLPQASIDLTPQTFNEKVLQGKTHWVVDFYAPWSGPSQNFAPEFELLARMIKGKVRAGKVDCQAYPQ
TCQKAGIKAYPSVKLYQYERAKKSIWEEQINSRDAKTIAALIYGKLETLQSQVKRNKDEL
;
_entity_poly.pdbx_strand_id   A
#
# COMPACT_ATOMS: atom_id res chain seq x y z
N PHE A 23 22.58 -13.98 5.02
CA PHE A 23 21.92 -12.69 5.37
C PHE A 23 20.44 -12.93 5.70
N TYR A 24 19.72 -13.61 4.80
CA TYR A 24 18.45 -14.20 5.16
C TYR A 24 18.74 -15.42 6.02
N SER A 25 19.58 -16.30 5.50
CA SER A 25 19.96 -17.54 6.19
C SER A 25 20.94 -17.27 7.33
N LEU A 26 21.35 -16.01 7.49
CA LEU A 26 22.12 -15.60 8.67
C LEU A 26 21.16 -15.52 9.86
N LEU A 27 19.97 -14.98 9.61
CA LEU A 27 18.88 -15.02 10.57
C LEU A 27 18.27 -16.42 10.61
N GLY A 28 18.44 -17.17 9.52
CA GLY A 28 17.97 -18.56 9.45
C GLY A 28 16.57 -18.68 8.84
N VAL A 29 16.24 -17.74 7.97
CA VAL A 29 14.94 -17.73 7.30
C VAL A 29 15.12 -17.73 5.79
N SER A 30 14.02 -17.90 5.06
CA SER A 30 14.09 -17.85 3.61
C SER A 30 13.73 -16.47 3.10
N LYS A 31 14.07 -16.18 1.85
CA LYS A 31 13.69 -14.92 1.20
C LYS A 31 12.17 -14.82 0.99
N THR A 32 11.44 -15.84 1.44
CA THR A 32 9.99 -15.84 1.36
C THR A 32 9.39 -15.40 2.71
N ALA A 33 10.26 -15.21 3.71
CA ALA A 33 9.83 -14.92 5.07
C ALA A 33 9.01 -13.63 5.21
N SER A 34 8.03 -13.67 6.10
CA SER A 34 7.23 -12.50 6.46
C SER A 34 7.98 -11.68 7.50
N SER A 35 7.58 -10.42 7.67
CA SER A 35 8.10 -9.57 8.76
C SER A 35 8.03 -10.30 10.09
N ARG A 36 6.89 -10.96 10.33
CA ARG A 36 6.65 -11.71 11.57
C ARG A 36 7.73 -12.76 11.85
N GLU A 37 8.05 -13.54 10.82
CA GLU A 37 9.06 -14.60 10.92
C GLU A 37 10.48 -14.05 10.99
N ILE A 38 10.71 -12.88 10.37
CA ILE A 38 11.98 -12.17 10.51
C ILE A 38 12.17 -11.77 11.97
N ARG A 39 11.11 -11.22 12.56
CA ARG A 39 11.13 -10.88 13.98
C ARG A 39 11.33 -12.09 14.90
N GLN A 40 10.43 -13.08 14.82
CA GLN A 40 10.48 -14.26 15.70
C GLN A 40 11.84 -14.93 15.64
N ALA A 41 12.51 -14.83 14.49
CA ALA A 41 13.85 -15.38 14.31
C ALA A 41 14.92 -14.41 14.81
N PHE A 42 14.68 -13.12 14.61
CA PHE A 42 15.57 -12.08 15.14
C PHE A 42 15.61 -12.14 16.67
N LYS A 43 14.43 -12.29 17.28
CA LYS A 43 14.29 -12.40 18.74
C LYS A 43 14.93 -13.68 19.30
N LYS A 44 16.26 -13.76 19.18
CA LYS A 44 17.06 -14.88 19.68
C LYS A 44 18.41 -14.38 20.19
N ASN A 68 22.51 -8.58 14.52
CA ASN A 68 21.47 -7.59 14.30
C ASN A 68 21.41 -7.19 12.84
N ARG A 69 22.17 -6.16 12.48
CA ARG A 69 22.21 -5.49 11.17
C ARG A 69 21.22 -5.95 10.09
N ALA A 70 21.31 -7.22 9.72
CA ALA A 70 20.41 -7.86 8.75
C ALA A 70 18.94 -7.60 9.08
N TYR A 71 18.60 -7.62 10.36
CA TYR A 71 17.23 -7.36 10.81
C TYR A 71 16.77 -5.96 10.43
N GLU A 72 17.61 -4.96 10.71
CA GLU A 72 17.26 -3.59 10.39
C GLU A 72 17.01 -3.41 8.90
N VAL A 73 17.83 -4.09 8.10
CA VAL A 73 17.69 -4.09 6.65
C VAL A 73 16.39 -4.77 6.22
N LEU A 74 16.19 -6.00 6.70
CA LEU A 74 15.05 -6.80 6.29
C LEU A 74 13.69 -6.34 6.84
N LYS A 75 13.67 -5.80 8.07
CA LYS A 75 12.42 -5.32 8.65
C LYS A 75 11.83 -4.17 7.83
N ASP A 76 12.69 -3.25 7.43
CA ASP A 76 12.29 -2.05 6.71
C ASP A 76 12.08 -2.37 5.22
N GLU A 77 10.83 -2.29 4.78
CA GLU A 77 10.43 -2.75 3.45
C GLU A 77 11.25 -2.17 2.29
N ASP A 78 11.67 -0.92 2.43
CA ASP A 78 12.40 -0.23 1.35
C ASP A 78 13.90 -0.52 1.31
N LEU A 79 14.47 -0.94 2.44
CA LEU A 79 15.86 -1.36 2.46
C LEU A 79 16.00 -2.83 2.10
N ARG A 80 14.91 -3.58 2.24
CA ARG A 80 14.84 -4.98 1.83
C ARG A 80 14.76 -5.06 0.31
N LYS A 81 14.05 -4.10 -0.29
CA LYS A 81 13.89 -3.97 -1.74
C LYS A 81 15.25 -4.02 -2.46
N LYS A 82 16.14 -3.11 -2.06
CA LYS A 82 17.44 -2.93 -2.72
C LYS A 82 18.39 -4.09 -2.49
N TYR A 83 18.30 -4.71 -1.31
CA TYR A 83 19.11 -5.88 -1.00
C TYR A 83 18.68 -7.10 -1.81
N ASP A 84 17.37 -7.25 -2.03
CA ASP A 84 16.83 -8.45 -2.71
C ASP A 84 17.38 -8.72 -4.12
N LYS A 85 17.93 -7.69 -4.78
CA LYS A 85 18.59 -7.85 -6.09
C LYS A 85 20.03 -7.35 -6.13
N TYR A 86 20.50 -6.78 -5.02
CA TYR A 86 21.91 -6.42 -4.87
C TYR A 86 22.47 -6.95 -3.54
N TYR A 104 14.95 -6.37 27.48
CA TYR A 104 13.97 -5.68 26.65
C TYR A 104 13.43 -6.56 25.52
N TYR A 105 14.27 -7.46 25.01
CA TYR A 105 13.86 -8.33 23.91
C TYR A 105 13.04 -9.51 24.42
N ARG A 106 13.25 -9.88 25.68
CA ARG A 106 12.46 -10.94 26.32
C ARG A 106 11.02 -10.49 26.54
N TYR A 107 10.85 -9.27 27.05
CA TYR A 107 9.51 -8.70 27.24
C TYR A 107 9.36 -7.22 26.82
N ASP A 108 9.34 -6.99 25.49
CA ASP A 108 8.94 -5.70 24.90
C ASP A 108 9.01 -5.69 23.37
N PHE A 109 9.57 -6.76 22.81
CA PHE A 109 9.76 -6.86 21.37
C PHE A 109 8.99 -8.05 20.83
N GLY A 110 8.24 -7.81 19.76
CA GLY A 110 7.39 -8.83 19.13
C GLY A 110 6.61 -9.64 20.15
N ILE A 111 5.80 -8.95 20.94
CA ILE A 111 5.05 -9.57 22.03
C ILE A 111 4.18 -10.75 21.56
N TYR A 112 3.53 -10.59 20.41
CA TYR A 112 2.52 -11.53 19.95
C TYR A 112 2.96 -12.39 18.75
N ASP A 113 4.23 -12.29 18.39
CA ASP A 113 4.81 -13.04 17.29
C ASP A 113 4.58 -14.55 17.38
N ASP A 114 4.87 -15.11 18.54
CA ASP A 114 4.78 -16.56 18.76
C ASP A 114 3.36 -17.07 19.08
N ASP A 115 2.40 -16.15 19.21
CA ASP A 115 1.01 -16.54 19.49
C ASP A 115 0.16 -16.54 18.22
N PRO A 116 0.08 -17.69 17.53
CA PRO A 116 -0.37 -17.75 16.14
C PRO A 116 -1.86 -17.47 15.88
N GLU A 117 -2.70 -17.44 16.92
CA GLU A 117 -4.12 -17.07 16.73
C GLU A 117 -4.38 -15.57 16.87
N ILE A 118 -3.32 -14.81 17.17
CA ILE A 118 -3.33 -13.36 17.14
C ILE A 118 -2.72 -12.83 15.83
N ILE A 119 -3.51 -12.06 15.09
CA ILE A 119 -3.10 -11.41 13.87
C ILE A 119 -2.59 -10.03 14.27
N THR A 120 -1.29 -9.78 14.10
CA THR A 120 -0.76 -8.44 14.32
C THR A 120 -0.96 -7.67 13.03
N LEU A 121 -1.54 -6.47 13.14
CA LEU A 121 -1.99 -5.74 11.96
C LEU A 121 -1.21 -4.46 11.74
N GLU A 122 -0.81 -4.21 10.49
CA GLU A 122 -0.22 -2.95 10.07
C GLU A 122 -1.31 -2.04 9.51
N ARG A 123 -0.93 -0.81 9.18
CA ARG A 123 -1.81 0.21 8.61
C ARG A 123 -2.43 -0.18 7.26
N ARG A 124 -1.60 -0.57 6.29
CA ARG A 124 -2.05 -0.82 4.91
C ARG A 124 -3.16 -1.85 4.82
N GLU A 125 -3.08 -2.88 5.65
CA GLU A 125 -4.04 -3.98 5.60
C GLU A 125 -5.18 -3.91 6.60
N PHE A 126 -5.08 -2.99 7.54
CA PHE A 126 -6.01 -2.90 8.66
C PHE A 126 -7.49 -2.78 8.28
N ASP A 127 -7.80 -1.83 7.40
CA ASP A 127 -9.18 -1.53 7.02
C ASP A 127 -9.82 -2.69 6.28
N ALA A 128 -9.12 -3.26 5.30
CA ALA A 128 -9.57 -4.45 4.58
C ALA A 128 -9.79 -5.66 5.51
N ALA A 129 -8.84 -5.91 6.42
CA ALA A 129 -8.91 -7.04 7.36
C ALA A 129 -10.11 -6.95 8.32
N VAL A 130 -10.26 -5.84 9.03
CA VAL A 130 -11.30 -5.80 10.09
C VAL A 130 -12.68 -5.69 9.45
N ASN A 131 -12.74 -5.17 8.23
CA ASN A 131 -14.00 -5.10 7.53
C ASN A 131 -14.28 -6.28 6.60
N SER A 132 -13.42 -7.29 6.64
CA SER A 132 -13.56 -8.48 5.79
C SER A 132 -14.76 -9.38 6.10
N GLY A 133 -15.33 -9.28 7.31
CA GLY A 133 -16.62 -9.91 7.59
C GLY A 133 -16.78 -10.67 8.89
N GLU A 134 -15.71 -11.25 9.41
CA GLU A 134 -15.72 -11.82 10.76
C GLU A 134 -15.78 -10.71 11.82
N LEU A 135 -16.26 -11.05 13.01
CA LEU A 135 -16.09 -10.19 14.18
C LEU A 135 -14.61 -10.08 14.54
N TRP A 136 -14.14 -8.87 14.79
CA TRP A 136 -12.75 -8.63 15.17
C TRP A 136 -12.67 -7.93 16.53
N PHE A 137 -11.68 -8.33 17.33
CA PHE A 137 -11.45 -7.73 18.65
C PHE A 137 -9.98 -7.38 18.70
N VAL A 138 -9.69 -6.08 18.64
CA VAL A 138 -8.32 -5.60 18.43
C VAL A 138 -7.72 -4.94 19.65
N ASN A 139 -6.53 -5.40 20.01
CA ASN A 139 -5.78 -4.81 21.10
C ASN A 139 -4.76 -3.79 20.57
N PHE A 140 -5.01 -2.51 20.85
CA PHE A 140 -4.06 -1.44 20.54
C PHE A 140 -3.19 -1.25 21.76
N TYR A 141 -1.89 -1.50 21.59
CA TYR A 141 -0.97 -1.44 22.72
C TYR A 141 0.23 -0.55 22.40
N SER A 142 1.20 -0.52 23.32
CA SER A 142 2.46 0.18 23.10
C SER A 142 3.62 -0.55 23.78
N PRO A 143 4.84 -0.43 23.21
CA PRO A 143 6.07 -0.72 23.97
C PRO A 143 6.20 0.19 25.20
N GLY A 144 6.66 -0.40 26.32
CA GLY A 144 6.83 0.36 27.55
C GLY A 144 5.61 0.30 28.45
N SER A 145 4.44 0.56 27.87
CA SER A 145 3.16 0.46 28.57
C SER A 145 3.04 -0.89 29.27
N SER A 146 3.22 -0.89 30.58
CA SER A 146 3.12 -2.12 31.38
C SER A 146 1.69 -2.60 31.59
N HIS A 147 0.72 -1.79 31.19
CA HIS A 147 -0.68 -2.19 31.12
C HIS A 147 -0.93 -3.00 29.84
N SER A 148 -0.02 -2.84 28.87
CA SER A 148 0.01 -3.68 27.68
C SER A 148 0.72 -5.01 28.00
N HIS A 149 1.79 -4.94 28.80
CA HIS A 149 2.47 -6.12 29.34
C HIS A 149 1.57 -6.89 30.29
N ASP A 150 0.77 -6.15 31.06
CA ASP A 150 -0.20 -6.71 32.01
C ASP A 150 -1.21 -7.60 31.31
N LEU A 151 -1.55 -7.26 30.07
CA LEU A 151 -2.63 -7.93 29.36
C LEU A 151 -2.18 -9.06 28.43
N ALA A 152 -0.96 -8.98 27.94
CA ALA A 152 -0.43 -9.93 26.95
C ALA A 152 -0.76 -11.41 27.24
N PRO A 153 -0.50 -11.89 28.47
CA PRO A 153 -0.85 -13.29 28.77
C PRO A 153 -2.35 -13.59 28.63
N THR A 154 -3.19 -12.65 29.06
CA THR A 154 -4.65 -12.81 29.00
C THR A 154 -5.12 -12.82 27.55
N TRP A 155 -4.60 -11.89 26.76
CA TRP A 155 -4.96 -11.75 25.35
C TRP A 155 -4.57 -12.99 24.55
N ARG A 156 -3.56 -13.74 25.01
CA ARG A 156 -3.15 -14.97 24.34
C ARG A 156 -4.14 -16.08 24.64
N GLU A 157 -4.51 -16.19 25.92
CA GLU A 157 -5.51 -17.14 26.39
C GLU A 157 -6.81 -16.84 25.65
N PHE A 158 -7.27 -15.61 25.77
CA PHE A 158 -8.52 -15.16 25.19
C PHE A 158 -8.69 -15.55 23.74
N ALA A 159 -7.62 -15.36 22.95
CA ALA A 159 -7.59 -15.67 21.51
C ALA A 159 -7.59 -17.17 21.22
N LYS A 160 -7.05 -17.94 22.17
CA LYS A 160 -7.06 -19.40 22.13
C LYS A 160 -8.47 -19.88 22.45
N GLU A 161 -9.09 -19.20 23.41
CA GLU A 161 -10.42 -19.55 23.90
C GLU A 161 -11.50 -19.38 22.83
N VAL A 162 -11.33 -18.38 21.97
CA VAL A 162 -12.36 -18.03 20.99
C VAL A 162 -12.00 -18.31 19.52
N ASP A 163 -10.88 -19.01 19.32
CA ASP A 163 -10.52 -19.55 18.01
C ASP A 163 -11.74 -20.23 17.41
N GLY A 164 -12.18 -19.76 16.23
CA GLY A 164 -13.38 -20.29 15.58
C GLY A 164 -14.65 -19.48 15.78
N LEU A 165 -14.64 -18.57 16.75
CA LEU A 165 -15.77 -17.67 17.05
C LEU A 165 -15.54 -16.24 16.53
N LEU A 166 -14.41 -15.64 16.89
CA LEU A 166 -14.04 -14.31 16.40
C LEU A 166 -12.52 -14.15 16.15
N ARG A 167 -12.15 -13.11 15.41
CA ARG A 167 -10.74 -12.80 15.15
C ARG A 167 -10.07 -11.91 16.18
N ILE A 168 -8.94 -12.36 16.69
CA ILE A 168 -8.17 -11.54 17.63
C ILE A 168 -6.93 -10.90 16.98
N GLY A 169 -6.87 -9.58 17.07
CA GLY A 169 -5.80 -8.81 16.46
C GLY A 169 -5.07 -7.90 17.43
N ALA A 170 -3.86 -7.51 17.04
CA ALA A 170 -3.04 -6.60 17.82
C ALA A 170 -2.43 -5.51 16.92
N VAL A 171 -2.54 -4.27 17.35
CA VAL A 171 -1.95 -3.15 16.63
C VAL A 171 -0.88 -2.49 17.51
N ASN A 172 0.33 -2.43 17.00
CA ASN A 172 1.47 -1.86 17.73
C ASN A 172 1.65 -0.37 17.38
N CYS A 173 1.07 0.50 18.22
CA CYS A 173 1.10 1.93 17.97
C CYS A 173 2.51 2.53 18.09
N GLY A 174 3.42 1.75 18.68
CA GLY A 174 4.85 2.07 18.66
C GLY A 174 5.36 2.05 17.24
N ASP A 175 5.08 0.96 16.52
CA ASP A 175 5.47 0.84 15.11
C ASP A 175 4.68 1.73 14.15
N ASP A 176 3.43 2.04 14.51
CA ASP A 176 2.69 3.13 13.84
C ASP A 176 1.65 3.85 14.71
N ARG A 177 2.01 5.04 15.17
CA ARG A 177 1.04 5.91 15.86
C ARG A 177 0.09 6.60 14.89
N MET A 178 0.56 6.81 13.66
CA MET A 178 -0.27 7.33 12.56
C MET A 178 -1.60 6.57 12.49
N LEU A 179 -1.49 5.24 12.47
CA LEU A 179 -2.63 4.37 12.49
C LEU A 179 -3.51 4.61 13.72
N CYS A 180 -2.90 5.00 14.84
CA CYS A 180 -3.62 5.16 16.10
C CYS A 180 -3.91 6.63 16.42
N PRO A 189 -3.51 1.97 25.27
CA PRO A 189 -3.74 0.66 25.91
C PRO A 189 -5.20 0.23 25.76
N SER A 190 -5.68 0.16 24.53
CA SER A 190 -7.12 0.19 24.23
C SER A 190 -7.68 -1.02 23.44
N LEU A 191 -8.96 -1.32 23.67
CA LEU A 191 -9.63 -2.51 23.14
C LEU A 191 -10.92 -2.17 22.40
N PHE A 192 -11.01 -2.66 21.16
CA PHE A 192 -12.08 -2.29 20.22
C PHE A 192 -12.69 -3.49 19.52
N ILE A 193 -13.92 -3.32 19.03
CA ILE A 193 -14.62 -4.38 18.34
C ILE A 193 -15.02 -3.88 16.94
N PHE A 194 -14.77 -4.69 15.92
CA PHE A 194 -15.03 -4.31 14.54
C PHE A 194 -15.78 -5.41 13.82
N ARG A 195 -16.72 -5.01 12.96
CA ARG A 195 -17.44 -5.92 12.09
C ARG A 195 -17.88 -5.09 10.89
N SER A 196 -17.73 -5.64 9.69
CA SER A 196 -18.20 -4.95 8.50
C SER A 196 -19.59 -4.34 8.72
N GLY A 197 -19.75 -3.06 8.37
CA GLY A 197 -21.06 -2.42 8.36
C GLY A 197 -21.65 -2.03 9.70
N MET A 198 -20.85 -2.01 10.76
CA MET A 198 -21.19 -1.23 11.95
C MET A 198 -20.18 -0.09 12.04
N ALA A 199 -20.27 0.65 13.15
CA ALA A 199 -19.18 1.48 13.64
C ALA A 199 -18.43 0.67 14.70
N ALA A 200 -17.15 0.98 14.90
CA ALA A 200 -16.35 0.33 15.95
C ALA A 200 -16.90 0.62 17.34
N VAL A 201 -16.76 -0.36 18.24
CA VAL A 201 -17.24 -0.21 19.61
C VAL A 201 -16.11 -0.41 20.64
N LYS A 202 -15.93 0.56 21.53
CA LYS A 202 -14.79 0.59 22.45
C LYS A 202 -15.10 -0.10 23.78
N TYR A 203 -14.41 -1.22 24.05
CA TYR A 203 -14.58 -2.00 25.29
C TYR A 203 -14.03 -1.25 26.50
N ASN A 204 -14.74 -1.35 27.64
CA ASN A 204 -14.42 -0.57 28.84
C ASN A 204 -14.41 -1.33 30.17
N GLY A 205 -14.69 -2.64 30.12
CA GLY A 205 -14.74 -3.46 31.33
C GLY A 205 -13.37 -3.74 31.92
N ASP A 206 -13.28 -4.74 32.79
CA ASP A 206 -11.95 -5.16 33.25
C ASP A 206 -11.29 -6.09 32.23
N ARG A 207 -10.08 -6.53 32.54
CA ARG A 207 -9.25 -7.18 31.53
C ARG A 207 -9.33 -8.71 31.48
N SER A 208 -10.27 -9.32 32.20
CA SER A 208 -10.36 -10.78 32.34
C SER A 208 -10.93 -11.50 31.11
N LYS A 209 -10.52 -12.77 30.96
CA LYS A 209 -10.92 -13.60 29.82
C LYS A 209 -12.44 -13.74 29.75
N GLU A 210 -13.03 -14.18 30.86
CA GLU A 210 -14.47 -14.38 30.98
C GLU A 210 -15.30 -13.13 30.71
N SER A 211 -14.78 -11.95 31.08
CA SER A 211 -15.38 -10.67 30.70
C SER A 211 -15.34 -10.43 29.18
N LEU A 212 -14.13 -10.46 28.61
CA LEU A 212 -13.90 -10.25 27.18
C LEU A 212 -14.69 -11.22 26.29
N VAL A 213 -14.82 -12.45 26.78
CA VAL A 213 -15.65 -13.47 26.13
C VAL A 213 -17.09 -12.95 26.03
N ALA A 214 -17.65 -12.53 27.17
CA ALA A 214 -19.05 -12.07 27.24
C ALA A 214 -19.35 -10.90 26.32
N PHE A 215 -18.47 -9.91 26.32
CA PHE A 215 -18.59 -8.71 25.49
C PHE A 215 -18.55 -9.06 23.99
N ALA A 216 -17.67 -9.98 23.63
CA ALA A 216 -17.63 -10.53 22.28
C ALA A 216 -18.97 -11.20 21.95
N MET A 217 -19.49 -11.96 22.90
CA MET A 217 -20.74 -12.69 22.74
C MET A 217 -21.97 -11.84 22.49
N GLN A 218 -22.06 -10.69 23.17
CA GLN A 218 -23.19 -9.76 22.97
C GLN A 218 -23.17 -9.11 21.59
N HIS A 219 -22.10 -9.33 20.83
CA HIS A 219 -21.98 -8.80 19.48
C HIS A 219 -22.02 -9.91 18.43
N VAL A 220 -22.17 -11.15 18.89
CA VAL A 220 -22.20 -12.31 18.01
C VAL A 220 -23.64 -12.76 17.74
N ARG A 221 -23.98 -12.93 16.47
CA ARG A 221 -25.33 -13.41 16.13
C ARG A 221 -25.47 -14.91 16.36
N SER A 222 -26.40 -15.25 17.23
CA SER A 222 -26.58 -16.61 17.68
C SER A 222 -28.07 -16.88 17.86
N THR A 223 -28.55 -17.92 17.18
CA THR A 223 -29.90 -18.44 17.32
C THR A 223 -29.75 -19.85 17.88
N VAL A 224 -30.27 -20.06 19.08
CA VAL A 224 -30.41 -21.41 19.63
C VAL A 224 -31.90 -21.68 19.76
N THR A 225 -32.38 -22.76 19.14
CA THR A 225 -33.79 -23.04 19.17
C THR A 225 -34.15 -24.32 19.95
N GLU A 226 -34.98 -24.13 20.97
CA GLU A 226 -35.51 -25.22 21.76
C GLU A 226 -36.53 -26.08 20.97
N LEU A 227 -36.36 -27.41 21.01
CA LEU A 227 -37.16 -28.29 20.17
C LEU A 227 -38.07 -29.27 20.90
N SER A 228 -39.37 -29.08 20.69
CA SER A 228 -40.39 -30.08 21.01
C SER A 228 -40.22 -31.30 20.10
N THR A 229 -40.90 -32.40 20.44
CA THR A 229 -40.86 -33.60 19.59
C THR A 229 -41.38 -33.29 18.18
N GLY A 230 -42.51 -32.55 18.10
CA GLY A 230 -43.06 -32.12 16.82
C GLY A 230 -42.04 -31.31 16.01
N ASN A 231 -41.42 -30.33 16.67
CA ASN A 231 -40.43 -29.49 15.98
C ASN A 231 -39.15 -30.22 15.60
N PHE A 232 -38.69 -31.16 16.45
CA PHE A 232 -37.50 -31.94 16.14
C PHE A 232 -37.66 -32.69 14.82
N VAL A 233 -38.81 -33.36 14.67
CA VAL A 233 -39.09 -34.18 13.49
C VAL A 233 -39.15 -33.30 12.25
N ASN A 234 -39.86 -32.17 12.37
CA ASN A 234 -39.99 -31.25 11.24
C ASN A 234 -38.66 -30.60 10.87
N ALA A 235 -37.90 -30.19 11.88
CA ALA A 235 -36.55 -29.71 11.60
C ALA A 235 -35.77 -30.79 10.82
N ILE A 236 -35.74 -32.01 11.35
CA ILE A 236 -35.08 -33.11 10.67
C ILE A 236 -35.54 -33.28 9.21
N GLU A 237 -36.85 -33.34 8.98
CA GLU A 237 -37.37 -33.63 7.62
C GLU A 237 -37.18 -32.51 6.61
N THR A 238 -37.02 -31.29 7.08
CA THR A 238 -36.92 -30.15 6.17
C THR A 238 -35.45 -29.76 6.00
N ALA A 239 -34.57 -30.38 6.79
CA ALA A 239 -33.11 -30.12 6.71
C ALA A 239 -32.54 -30.24 5.28
N PHE A 240 -32.83 -31.37 4.62
CA PHE A 240 -32.22 -31.67 3.34
C PHE A 240 -32.52 -30.63 2.27
N ALA A 241 -33.80 -30.28 2.14
CA ALA A 241 -34.22 -29.24 1.19
C ALA A 241 -33.52 -27.92 1.48
N ALA A 242 -33.26 -27.64 2.76
CA ALA A 242 -32.64 -26.38 3.17
C ALA A 242 -31.11 -26.43 3.02
N GLY A 243 -30.56 -27.63 2.91
CA GLY A 243 -29.09 -27.82 2.90
C GLY A 243 -28.38 -27.27 4.15
N VAL A 244 -29.02 -27.37 5.32
CA VAL A 244 -28.46 -26.89 6.57
C VAL A 244 -28.86 -27.90 7.66
N GLY A 245 -27.85 -28.50 8.30
CA GLY A 245 -28.07 -29.57 9.24
C GLY A 245 -28.28 -29.07 10.66
N TRP A 246 -28.40 -30.00 11.60
CA TRP A 246 -28.71 -29.64 12.97
C TRP A 246 -27.71 -30.21 13.95
N LEU A 247 -27.22 -29.35 14.83
CA LEU A 247 -26.45 -29.77 15.98
C LEU A 247 -27.41 -29.68 17.16
N ILE A 248 -27.68 -30.82 17.81
CA ILE A 248 -28.71 -30.84 18.83
C ILE A 248 -28.23 -31.53 20.06
N THR A 249 -28.41 -30.88 21.19
CA THR A 249 -28.05 -31.50 22.46
C THR A 249 -29.30 -32.06 23.17
N PHE A 250 -29.16 -33.19 23.85
CA PHE A 250 -30.28 -33.89 24.50
C PHE A 250 -30.12 -33.95 26.02
N CYS A 251 -30.98 -33.26 26.75
CA CYS A 251 -30.78 -33.09 28.20
C CYS A 251 -31.88 -33.73 29.05
N SER A 252 -31.46 -34.57 30.00
CA SER A 252 -32.36 -35.08 31.04
C SER A 252 -31.64 -34.92 32.36
N LYS A 253 -32.39 -34.66 33.43
CA LYS A 253 -31.73 -34.41 34.72
C LYS A 253 -30.99 -35.62 35.33
N GLY A 254 -30.20 -35.35 36.36
CA GLY A 254 -29.20 -36.28 36.85
C GLY A 254 -28.00 -36.30 35.91
N GLU A 255 -28.21 -35.79 34.71
CA GLU A 255 -27.21 -35.82 33.66
C GLU A 255 -26.71 -34.44 33.27
N ASP A 256 -25.53 -34.44 32.64
CA ASP A 256 -24.86 -33.27 32.10
C ASP A 256 -25.04 -33.19 30.62
N CYS A 257 -25.36 -31.99 30.15
CA CYS A 257 -25.46 -31.71 28.73
C CYS A 257 -24.83 -30.35 28.47
N LEU A 258 -24.72 -29.97 27.20
CA LEU A 258 -24.11 -28.69 26.87
C LEU A 258 -24.76 -27.61 27.69
N THR A 259 -23.94 -26.69 28.16
CA THR A 259 -24.43 -25.52 28.85
C THR A 259 -25.05 -24.54 27.84
N SER A 260 -25.87 -23.64 28.37
CA SER A 260 -26.55 -22.64 27.60
C SER A 260 -25.59 -21.62 26.95
N GLN A 261 -24.52 -21.27 27.65
CA GLN A 261 -23.53 -20.38 27.07
C GLN A 261 -22.73 -21.09 25.96
N THR A 262 -22.39 -22.35 26.21
CA THR A 262 -21.76 -23.20 25.20
C THR A 262 -22.56 -23.28 23.91
N ARG A 263 -23.82 -23.70 23.96
CA ARG A 263 -24.56 -23.83 22.68
C ARG A 263 -24.77 -22.51 21.95
N LEU A 264 -24.82 -21.44 22.73
CA LEU A 264 -24.79 -20.08 22.21
C LEU A 264 -23.46 -19.80 21.47
N ARG A 265 -22.35 -20.12 22.12
CA ARG A 265 -21.05 -20.02 21.48
C ARG A 265 -20.93 -20.88 20.19
N LEU A 266 -21.47 -22.09 20.24
CA LEU A 266 -21.47 -22.98 19.08
C LEU A 266 -22.32 -22.41 17.92
N SER A 267 -23.46 -21.83 18.29
CA SER A 267 -24.33 -21.08 17.41
C SER A 267 -23.58 -20.00 16.68
N GLY A 268 -22.74 -19.26 17.42
CA GLY A 268 -21.95 -18.18 16.86
C GLY A 268 -20.89 -18.74 15.94
N MET A 269 -20.16 -19.75 16.41
CA MET A 269 -19.08 -20.32 15.62
C MET A 269 -19.55 -20.90 14.29
N LEU A 270 -20.76 -21.45 14.28
CA LEU A 270 -21.33 -22.16 13.14
C LEU A 270 -22.52 -21.40 12.52
N ASP A 271 -22.60 -20.11 12.83
CA ASP A 271 -23.64 -19.27 12.26
C ASP A 271 -23.66 -19.36 10.73
N GLY A 272 -24.83 -19.70 10.18
CA GLY A 272 -25.00 -19.83 8.74
C GLY A 272 -24.65 -21.19 8.21
N LEU A 273 -23.95 -22.00 9.01
CA LEU A 273 -23.51 -23.36 8.59
C LEU A 273 -24.35 -24.49 9.18
N VAL A 274 -24.76 -24.34 10.43
CA VAL A 274 -25.49 -25.38 11.14
C VAL A 274 -26.53 -24.74 12.02
N ASN A 275 -27.69 -25.38 12.17
CA ASN A 275 -28.68 -24.89 13.15
C ASN A 275 -28.39 -25.54 14.53
N VAL A 276 -28.41 -24.74 15.58
CA VAL A 276 -28.21 -25.24 16.92
C VAL A 276 -29.53 -25.30 17.68
N GLY A 277 -29.74 -26.43 18.33
CA GLY A 277 -30.96 -26.63 19.07
C GLY A 277 -30.74 -27.51 20.28
N TRP A 278 -31.82 -27.76 21.00
CA TRP A 278 -31.74 -28.63 22.17
C TRP A 278 -33.09 -29.24 22.51
N VAL A 279 -33.04 -30.42 23.11
CA VAL A 279 -34.22 -31.22 23.37
C VAL A 279 -34.23 -31.53 24.87
N ASP A 280 -35.29 -31.12 25.55
CA ASP A 280 -35.50 -31.49 26.96
C ASP A 280 -36.06 -32.93 27.05
N CYS A 281 -35.19 -33.90 27.38
CA CYS A 281 -35.57 -35.33 27.36
C CYS A 281 -36.57 -35.75 28.45
N ASP A 282 -36.81 -34.86 29.41
CA ASP A 282 -37.90 -35.09 30.36
C ASP A 282 -39.23 -34.78 29.72
N ALA A 283 -39.26 -33.70 28.94
CA ALA A 283 -40.43 -33.32 28.18
C ALA A 283 -40.65 -34.27 27.00
N GLN A 284 -39.58 -34.56 26.27
CA GLN A 284 -39.67 -35.40 25.06
C GLN A 284 -39.17 -36.83 25.33
N ASP A 285 -39.92 -37.49 26.21
CA ASP A 285 -39.69 -38.86 26.65
C ASP A 285 -39.49 -39.87 25.52
N SER A 286 -40.51 -40.08 24.69
CA SER A 286 -40.45 -41.04 23.58
C SER A 286 -39.30 -40.75 22.62
N LEU A 287 -39.15 -39.48 22.23
CA LEU A 287 -38.10 -39.08 21.30
C LEU A 287 -36.75 -39.56 21.78
N CYS A 288 -36.44 -39.23 23.04
CA CYS A 288 -35.11 -39.50 23.63
C CYS A 288 -34.81 -40.96 23.93
N LYS A 289 -35.79 -41.85 23.80
CA LYS A 289 -35.49 -43.27 23.98
C LYS A 289 -35.06 -43.93 22.67
N SER A 290 -35.02 -43.13 21.59
CA SER A 290 -34.36 -43.52 20.33
C SER A 290 -32.82 -43.33 20.41
N LEU A 291 -32.27 -43.42 21.63
CA LEU A 291 -30.82 -43.31 21.87
C LEU A 291 -30.49 -43.60 23.33
N THR A 297 -25.32 -35.81 25.91
CA THR A 297 -25.22 -36.36 24.56
C THR A 297 -25.67 -35.37 23.44
N THR A 298 -24.76 -35.07 22.53
CA THR A 298 -24.97 -34.11 21.46
C THR A 298 -24.76 -34.77 20.09
N ALA A 299 -25.63 -34.45 19.15
CA ALA A 299 -25.60 -35.10 17.85
C ALA A 299 -25.64 -34.07 16.73
N TYR A 300 -24.73 -34.21 15.77
CA TYR A 300 -24.89 -33.48 14.54
C TYR A 300 -25.60 -34.35 13.50
N PHE A 301 -26.66 -33.81 12.91
CA PHE A 301 -27.38 -34.45 11.83
C PHE A 301 -27.07 -33.73 10.50
N PRO A 302 -26.32 -34.40 9.60
CA PRO A 302 -26.19 -33.87 8.26
C PRO A 302 -27.59 -33.75 7.69
N PRO A 303 -27.80 -32.79 6.77
CA PRO A 303 -29.15 -32.69 6.24
C PRO A 303 -29.58 -34.02 5.58
N GLY A 304 -30.72 -34.56 6.01
CA GLY A 304 -31.22 -35.83 5.49
C GLY A 304 -31.07 -36.96 6.50
N ALA A 305 -30.11 -36.81 7.40
CA ALA A 305 -29.91 -37.76 8.49
C ALA A 305 -31.04 -37.66 9.53
N THR A 306 -31.29 -38.77 10.22
CA THR A 306 -32.31 -38.86 11.29
C THR A 306 -31.85 -39.87 12.34
N LEU A 307 -32.54 -39.92 13.48
CA LEU A 307 -32.30 -40.94 14.53
C LEU A 307 -32.65 -42.40 14.19
N ASN A 308 -33.64 -42.61 13.32
CA ASN A 308 -34.06 -43.97 12.89
C ASN A 308 -32.92 -44.89 12.37
N ASP A 309 -33.15 -46.21 12.37
CA ASP A 309 -32.16 -47.22 11.90
C ASP A 309 -31.55 -46.94 10.53
N ARG A 310 -32.39 -46.47 9.60
CA ARG A 310 -32.02 -46.29 8.19
C ARG A 310 -30.90 -45.28 8.02
N GLU A 311 -30.95 -44.21 8.82
CA GLU A 311 -30.06 -43.05 8.66
C GLU A 311 -29.08 -42.82 9.84
N LYS A 312 -29.30 -43.48 10.97
CA LYS A 312 -28.44 -43.34 12.17
C LYS A 312 -26.95 -43.25 11.82
N SER A 313 -26.51 -44.05 10.83
CA SER A 313 -25.09 -44.21 10.54
C SER A 313 -24.29 -42.96 10.10
N SER A 314 -24.98 -41.91 9.66
CA SER A 314 -24.32 -40.64 9.27
C SER A 314 -24.45 -39.51 10.30
N VAL A 315 -25.27 -39.70 11.31
CA VAL A 315 -25.29 -38.82 12.48
C VAL A 315 -23.94 -38.83 13.20
N LEU A 316 -23.45 -37.64 13.55
CA LEU A 316 -22.28 -37.51 14.39
C LEU A 316 -22.70 -37.47 15.88
N PHE A 317 -22.41 -38.53 16.64
CA PHE A 317 -22.78 -38.59 18.08
C PHE A 317 -21.58 -38.25 18.95
N LEU A 318 -21.72 -37.20 19.75
CA LEU A 318 -20.61 -36.64 20.53
C LEU A 318 -20.95 -36.48 22.00
N ASN A 319 -19.92 -36.56 22.83
CA ASN A 319 -20.07 -36.59 24.28
C ASN A 319 -19.54 -35.33 24.95
N SER A 320 -18.68 -34.61 24.23
CA SER A 320 -17.95 -33.48 24.75
C SER A 320 -18.87 -32.37 25.24
N LEU A 321 -18.40 -31.57 26.19
CA LEU A 321 -19.15 -30.43 26.70
C LEU A 321 -18.49 -29.13 26.26
N ASP A 322 -17.42 -29.26 25.48
CA ASP A 322 -16.60 -28.14 25.08
C ASP A 322 -16.91 -27.66 23.67
N ALA A 323 -17.26 -26.38 23.56
CA ALA A 323 -17.59 -25.74 22.29
C ALA A 323 -16.52 -25.93 21.19
N LYS A 324 -15.27 -25.55 21.48
CA LYS A 324 -14.15 -25.75 20.53
C LYS A 324 -14.09 -27.17 19.97
N GLU A 325 -14.01 -28.15 20.88
CA GLU A 325 -13.92 -29.54 20.50
C GLU A 325 -15.08 -29.96 19.59
N ILE A 326 -16.30 -29.68 20.01
CA ILE A 326 -17.48 -29.97 19.17
C ILE A 326 -17.41 -29.25 17.80
N TYR A 327 -17.16 -27.95 17.82
CA TYR A 327 -16.99 -27.15 16.62
C TYR A 327 -16.02 -27.78 15.61
N MET A 328 -14.85 -28.21 16.07
CA MET A 328 -13.84 -28.77 15.18
C MET A 328 -14.33 -30.04 14.48
N GLU A 329 -15.08 -30.85 15.21
CA GLU A 329 -15.66 -32.06 14.65
C GLU A 329 -16.60 -31.64 13.54
N ILE A 330 -17.55 -30.76 13.88
CA ILE A 330 -18.53 -30.29 12.92
C ILE A 330 -17.91 -29.64 11.65
N ILE A 331 -16.99 -28.71 11.85
CA ILE A 331 -16.43 -27.96 10.72
C ILE A 331 -15.71 -28.90 9.74
N HIS A 332 -14.97 -29.87 10.27
CA HIS A 332 -14.33 -30.90 9.44
C HIS A 332 -15.34 -31.76 8.67
N ASN A 333 -16.54 -31.87 9.22
CA ASN A 333 -17.53 -32.81 8.74
C ASN A 333 -18.42 -32.21 7.65
N LEU A 334 -18.62 -30.90 7.71
CA LEU A 334 -19.46 -30.17 6.74
C LEU A 334 -19.05 -30.42 5.30
N PRO A 335 -20.03 -30.39 4.37
CA PRO A 335 -19.70 -30.62 2.94
C PRO A 335 -18.76 -29.54 2.41
N ASP A 336 -18.05 -29.91 1.35
CA ASP A 336 -17.22 -29.02 0.58
C ASP A 336 -18.17 -28.17 -0.27
N PHE A 337 -17.60 -27.21 -1.00
CA PHE A 337 -18.37 -26.26 -1.78
C PHE A 337 -18.99 -26.97 -2.96
N GLU A 338 -20.07 -26.39 -3.47
CA GLU A 338 -20.69 -26.89 -4.65
C GLU A 338 -19.67 -27.09 -5.80
N LEU A 339 -19.67 -28.30 -6.35
CA LEU A 339 -18.87 -28.63 -7.49
C LEU A 339 -19.59 -28.21 -8.79
N LEU A 340 -18.89 -27.54 -9.68
CA LEU A 340 -19.48 -27.13 -10.96
C LEU A 340 -18.87 -27.92 -12.12
N SER A 341 -19.69 -28.32 -13.07
CA SER A 341 -19.19 -28.82 -14.35
C SER A 341 -18.62 -27.64 -15.17
N ALA A 342 -17.83 -27.95 -16.21
CA ALA A 342 -17.33 -26.92 -17.16
C ALA A 342 -18.46 -26.03 -17.69
N ASN A 343 -19.54 -26.67 -18.15
CA ASN A 343 -20.70 -25.97 -18.68
C ASN A 343 -21.30 -25.05 -17.63
N GLN A 344 -21.60 -25.60 -16.46
CA GLN A 344 -22.10 -24.85 -15.33
C GLN A 344 -21.26 -23.63 -15.00
N LEU A 345 -19.93 -23.77 -15.05
CA LEU A 345 -19.01 -22.69 -14.67
C LEU A 345 -19.00 -21.56 -15.69
N GLU A 346 -18.92 -21.93 -16.96
CA GLU A 346 -18.93 -20.93 -18.02
C GLU A 346 -20.25 -20.15 -18.01
N ASP A 347 -21.36 -20.87 -17.81
CA ASP A 347 -22.67 -20.27 -17.63
C ASP A 347 -22.67 -19.21 -16.53
N ARG A 348 -22.22 -19.61 -15.34
CA ARG A 348 -22.19 -18.77 -14.15
C ARG A 348 -21.18 -17.60 -14.22
N LEU A 349 -19.98 -17.85 -14.74
CA LEU A 349 -18.96 -16.81 -14.79
C LEU A 349 -19.32 -15.64 -15.70
N ALA A 350 -20.30 -15.83 -16.57
CA ALA A 350 -20.49 -14.85 -17.65
C ALA A 350 -20.88 -13.47 -17.09
N HIS A 351 -21.67 -13.46 -16.00
CA HIS A 351 -22.16 -12.19 -15.48
C HIS A 351 -22.23 -12.07 -13.95
N HIS A 352 -21.77 -13.06 -13.23
CA HIS A 352 -21.86 -12.97 -11.79
C HIS A 352 -20.49 -13.10 -11.14
N ARG A 353 -20.42 -12.67 -9.88
CA ARG A 353 -19.21 -12.79 -9.06
C ARG A 353 -19.07 -14.16 -8.35
N TRP A 354 -17.94 -14.83 -8.57
CA TRP A 354 -17.72 -16.16 -8.00
C TRP A 354 -16.32 -16.27 -7.45
N LEU A 355 -16.22 -16.86 -6.27
CA LEU A 355 -14.97 -17.26 -5.70
C LEU A 355 -14.85 -18.72 -6.10
N VAL A 356 -13.78 -19.08 -6.77
CA VAL A 356 -13.65 -20.45 -7.30
C VAL A 356 -12.40 -21.18 -6.78
N PHE A 357 -12.62 -22.30 -6.09
CA PHE A 357 -11.52 -23.26 -5.75
C PHE A 357 -11.26 -24.24 -6.88
N PHE A 358 -10.14 -24.04 -7.57
CA PHE A 358 -9.69 -24.97 -8.60
C PHE A 358 -8.86 -26.07 -7.96
N HIS A 359 -9.18 -27.31 -8.26
CA HIS A 359 -8.42 -28.42 -7.75
C HIS A 359 -8.31 -29.49 -8.82
N PHE A 360 -7.51 -30.51 -8.56
CA PHE A 360 -7.25 -31.57 -9.52
C PHE A 360 -7.55 -32.90 -8.82
N GLY A 361 -8.72 -33.48 -9.06
CA GLY A 361 -9.17 -34.67 -8.31
C GLY A 361 -9.46 -34.35 -6.84
N ASN A 367 -6.90 -27.71 2.52
CA ASN A 367 -7.62 -26.51 2.97
C ASN A 367 -8.16 -26.61 4.38
N ASP A 368 -7.94 -25.54 5.14
CA ASP A 368 -8.60 -25.29 6.40
C ASP A 368 -10.13 -25.40 6.20
N PRO A 369 -10.80 -26.25 7.02
CA PRO A 369 -12.25 -26.43 6.91
C PRO A 369 -12.98 -25.13 7.24
N GLU A 370 -12.31 -24.23 7.95
CA GLU A 370 -12.86 -22.92 8.27
C GLU A 370 -13.25 -22.13 7.01
N LEU A 371 -12.55 -22.37 5.91
CA LEU A 371 -12.89 -21.71 4.65
C LEU A 371 -14.33 -21.94 4.23
N LYS A 372 -14.94 -23.02 4.73
CA LYS A 372 -16.35 -23.30 4.46
C LYS A 372 -17.24 -22.16 4.94
N LYS A 373 -16.74 -21.30 5.84
CA LYS A 373 -17.48 -20.11 6.28
C LYS A 373 -17.55 -19.05 5.20
N LEU A 374 -16.78 -19.22 4.13
CA LEU A 374 -16.74 -18.23 3.06
C LEU A 374 -18.12 -17.93 2.52
N LYS A 375 -18.94 -18.97 2.34
CA LYS A 375 -20.27 -18.77 1.78
C LYS A 375 -21.14 -17.79 2.58
N THR A 376 -21.32 -17.99 3.90
CA THR A 376 -22.09 -17.04 4.73
C THR A 376 -21.59 -15.61 4.54
N LEU A 377 -20.27 -15.44 4.65
CA LEU A 377 -19.68 -14.16 4.95
C LEU A 377 -19.52 -13.28 3.71
N LEU A 378 -19.59 -13.89 2.54
CA LEU A 378 -19.56 -13.16 1.28
C LEU A 378 -20.96 -12.96 0.70
N LYS A 379 -21.96 -13.48 1.41
CA LYS A 379 -23.39 -13.35 1.05
C LYS A 379 -23.78 -11.93 0.61
N ASN A 380 -23.39 -10.93 1.39
CA ASN A 380 -23.87 -9.57 1.19
C ASN A 380 -23.01 -8.78 0.21
N GLU A 381 -21.94 -9.40 -0.27
CA GLU A 381 -21.17 -8.82 -1.35
C GLU A 381 -21.49 -9.52 -2.65
N HIS A 382 -22.48 -10.41 -2.58
CA HIS A 382 -23.00 -11.13 -3.74
C HIS A 382 -21.95 -11.92 -4.49
N ILE A 383 -21.03 -12.52 -3.75
CA ILE A 383 -20.02 -13.39 -4.33
C ILE A 383 -20.39 -14.81 -3.93
N GLN A 384 -20.61 -15.68 -4.90
CA GLN A 384 -20.87 -17.06 -4.52
C GLN A 384 -19.61 -17.91 -4.55
N VAL A 385 -19.54 -18.88 -3.64
CA VAL A 385 -18.34 -19.70 -3.48
C VAL A 385 -18.54 -21.10 -4.04
N VAL A 386 -17.64 -21.51 -4.91
CA VAL A 386 -17.86 -22.72 -5.66
C VAL A 386 -16.49 -23.39 -5.84
N ARG A 387 -16.47 -24.64 -6.31
CA ARG A 387 -15.19 -25.30 -6.60
C ARG A 387 -15.24 -25.97 -7.97
N PHE A 388 -14.09 -26.23 -8.57
CA PHE A 388 -14.08 -26.78 -9.92
C PHE A 388 -12.99 -27.81 -10.06
N ASP A 389 -13.32 -28.97 -10.62
CA ASP A 389 -12.32 -30.02 -10.84
C ASP A 389 -11.68 -29.87 -12.19
N CYS A 390 -10.52 -29.24 -12.19
CA CYS A 390 -9.71 -29.08 -13.39
C CYS A 390 -9.57 -30.41 -14.18
N SER A 391 -9.41 -31.53 -13.48
CA SER A 391 -9.21 -32.82 -14.14
C SER A 391 -10.41 -33.25 -14.97
N SER A 392 -11.59 -32.70 -14.66
CA SER A 392 -12.81 -33.03 -15.41
C SER A 392 -12.90 -32.29 -16.73
N ALA A 393 -12.00 -31.33 -16.93
CA ALA A 393 -11.96 -30.46 -18.11
C ALA A 393 -10.72 -29.55 -18.06
N PRO A 394 -9.53 -30.12 -18.29
CA PRO A 394 -8.24 -29.41 -18.07
C PRO A 394 -8.03 -28.12 -18.89
N GLY A 395 -8.67 -28.03 -20.06
CA GLY A 395 -8.66 -26.85 -20.93
C GLY A 395 -9.19 -25.58 -20.27
N ILE A 396 -10.25 -25.68 -19.48
CA ILE A 396 -10.70 -24.49 -18.73
C ILE A 396 -9.53 -23.96 -17.91
N CYS A 397 -8.83 -24.86 -17.20
CA CYS A 397 -7.73 -24.48 -16.28
C CYS A 397 -6.44 -24.06 -16.97
N SER A 398 -6.09 -24.77 -18.04
CA SER A 398 -4.83 -24.48 -18.68
C SER A 398 -4.90 -23.14 -19.46
N ASP A 399 -6.10 -22.77 -19.90
CA ASP A 399 -6.27 -21.46 -20.53
C ASP A 399 -6.12 -20.39 -19.50
N LEU A 400 -6.42 -20.71 -18.24
CA LEU A 400 -6.22 -19.74 -17.17
C LEU A 400 -4.85 -19.87 -16.55
N TYR A 401 -3.98 -20.67 -17.17
CA TYR A 401 -2.67 -20.95 -16.58
C TYR A 401 -2.80 -21.35 -15.09
N VAL A 402 -3.79 -22.18 -14.77
CA VAL A 402 -3.91 -22.76 -13.43
C VAL A 402 -3.32 -24.17 -13.47
N PHE A 403 -2.17 -24.33 -12.81
CA PHE A 403 -1.32 -25.53 -12.92
C PHE A 403 -1.27 -26.30 -11.60
N GLN A 404 -1.84 -25.69 -10.57
CA GLN A 404 -1.76 -26.17 -9.21
C GLN A 404 -3.06 -25.72 -8.59
N PRO A 405 -3.51 -26.40 -7.52
CA PRO A 405 -4.78 -25.97 -6.96
C PRO A 405 -4.70 -24.50 -6.64
N SER A 406 -5.73 -23.73 -7.03
CA SER A 406 -5.74 -22.30 -6.76
C SER A 406 -7.11 -21.72 -6.50
N LEU A 407 -7.09 -20.53 -5.91
CA LEU A 407 -8.30 -19.81 -5.60
C LEU A 407 -8.39 -18.55 -6.48
N ALA A 408 -9.43 -18.46 -7.31
CA ALA A 408 -9.68 -17.23 -8.10
C ALA A 408 -11.03 -16.62 -7.71
N VAL A 409 -11.12 -15.29 -7.78
CA VAL A 409 -12.39 -14.58 -7.74
C VAL A 409 -12.66 -13.92 -9.11
N PHE A 410 -13.87 -14.09 -9.62
CA PHE A 410 -14.25 -13.60 -10.93
C PHE A 410 -15.27 -12.49 -10.69
N LYS A 411 -15.14 -11.38 -11.43
CA LYS A 411 -15.93 -10.23 -11.13
C LYS A 411 -17.04 -9.94 -12.13
N GLY A 412 -17.43 -10.93 -12.90
CA GLY A 412 -18.68 -10.81 -13.63
C GLY A 412 -18.56 -10.61 -15.11
N GLN A 413 -17.40 -10.90 -15.69
CA GLN A 413 -17.21 -10.75 -17.14
C GLN A 413 -16.56 -11.98 -17.78
N GLY A 414 -17.07 -13.17 -17.50
CA GLY A 414 -16.47 -14.39 -18.02
C GLY A 414 -15.11 -14.60 -17.38
N THR A 415 -14.14 -15.05 -18.17
CA THR A 415 -12.76 -15.14 -17.69
C THR A 415 -11.91 -13.86 -17.95
N LYS A 416 -12.52 -12.77 -18.40
CA LYS A 416 -11.72 -11.56 -18.69
C LYS A 416 -11.19 -10.90 -17.42
N GLU A 417 -12.01 -10.89 -16.38
CA GLU A 417 -11.70 -10.14 -15.19
C GLU A 417 -11.75 -11.07 -14.00
N TYR A 418 -10.59 -11.41 -13.46
CA TYR A 418 -10.50 -12.20 -12.26
C TYR A 418 -9.14 -11.92 -11.63
N GLU A 419 -8.98 -12.27 -10.37
CA GLU A 419 -7.67 -12.28 -9.75
C GLU A 419 -7.47 -13.60 -9.00
N ILE A 420 -6.22 -13.99 -8.84
CA ILE A 420 -5.87 -15.21 -8.13
C ILE A 420 -5.32 -14.87 -6.76
N HIS A 421 -5.81 -15.54 -5.72
CA HIS A 421 -5.35 -15.25 -4.36
C HIS A 421 -3.92 -15.77 -4.15
N HIS A 422 -3.04 -14.94 -3.57
CA HIS A 422 -1.67 -15.39 -3.23
C HIS A 422 -1.43 -15.20 -1.76
N GLY A 423 -0.59 -16.03 -1.18
CA GLY A 423 -0.43 -16.03 0.28
C GLY A 423 -1.22 -17.12 0.97
N LYS A 424 -1.06 -17.20 2.29
CA LYS A 424 -1.66 -18.25 3.12
C LYS A 424 -3.18 -18.19 3.06
N LYS A 425 -3.77 -19.37 2.96
CA LYS A 425 -5.20 -19.52 2.78
C LYS A 425 -5.95 -19.46 4.11
N ILE A 426 -6.00 -18.27 4.69
CA ILE A 426 -6.70 -18.00 5.94
C ILE A 426 -8.00 -17.32 5.55
N LEU A 427 -9.04 -17.60 6.30
CA LEU A 427 -10.36 -17.03 6.06
C LEU A 427 -10.36 -15.48 5.94
N TYR A 428 -9.81 -14.75 6.91
CA TYR A 428 -9.94 -13.31 6.88
C TYR A 428 -9.25 -12.74 5.67
N ASP A 429 -8.10 -13.32 5.30
CA ASP A 429 -7.35 -12.80 4.18
C ASP A 429 -8.00 -13.14 2.85
N ILE A 430 -8.60 -14.32 2.75
CA ILE A 430 -9.37 -14.63 1.54
C ILE A 430 -10.60 -13.73 1.46
N LEU A 431 -11.26 -13.49 2.61
CA LEU A 431 -12.40 -12.59 2.63
C LEU A 431 -12.05 -11.22 2.06
N ALA A 432 -11.01 -10.59 2.65
CA ALA A 432 -10.55 -9.28 2.21
C ALA A 432 -10.12 -9.28 0.73
N PHE A 433 -9.35 -10.27 0.31
CA PHE A 433 -8.99 -10.42 -1.11
C PHE A 433 -10.22 -10.38 -1.98
N ALA A 434 -11.26 -11.14 -1.62
CA ALA A 434 -12.44 -11.26 -2.50
C ALA A 434 -13.25 -9.96 -2.64
N LYS A 435 -13.58 -9.31 -1.51
CA LYS A 435 -14.35 -8.05 -1.56
C LYS A 435 -13.58 -6.93 -2.27
N GLU A 436 -12.29 -6.82 -1.94
CA GLU A 436 -11.44 -5.77 -2.49
C GLU A 436 -11.23 -5.96 -4.02
N SER A 437 -11.02 -7.21 -4.44
CA SER A 437 -10.85 -7.57 -5.83
C SER A 437 -12.09 -7.30 -6.69
N VAL A 438 -13.27 -7.78 -6.29
CA VAL A 438 -14.48 -7.54 -7.11
C VAL A 438 -14.92 -6.09 -7.15
N ASN A 439 -14.52 -5.32 -6.15
CA ASN A 439 -14.79 -3.90 -6.10
C ASN A 439 -13.68 -3.04 -6.72
N SER A 440 -12.63 -3.67 -7.24
CA SER A 440 -11.55 -2.95 -7.89
C SER A 440 -11.38 -3.34 -9.37
N HIS A 441 -10.31 -2.88 -10.01
CA HIS A 441 -10.19 -3.01 -11.45
C HIS A 441 -8.80 -3.44 -11.80
N VAL A 442 -8.35 -4.53 -11.21
CA VAL A 442 -7.08 -5.13 -11.56
C VAL A 442 -7.32 -6.39 -12.36
N THR A 443 -6.67 -6.49 -13.50
CA THR A 443 -6.80 -7.63 -14.41
C THR A 443 -5.61 -8.57 -14.27
N THR A 444 -5.85 -9.86 -14.43
CA THR A 444 -4.78 -10.83 -14.47
C THR A 444 -4.30 -10.93 -15.91
N LEU A 445 -3.03 -10.66 -16.17
CA LEU A 445 -2.55 -10.63 -17.53
C LEU A 445 -1.87 -11.91 -17.92
N GLY A 446 -1.86 -12.17 -19.22
CA GLY A 446 -1.10 -13.26 -19.82
C GLY A 446 -0.62 -12.81 -21.17
N PRO A 447 0.03 -13.70 -21.93
CA PRO A 447 0.63 -13.25 -23.19
C PRO A 447 -0.36 -12.62 -24.18
N GLN A 448 -1.53 -13.22 -24.36
CA GLN A 448 -2.52 -12.72 -25.34
C GLN A 448 -3.21 -11.42 -24.93
N ASN A 449 -3.67 -11.36 -23.69
CA ASN A 449 -4.32 -10.16 -23.19
C ASN A 449 -3.34 -9.11 -22.74
N PHE A 450 -2.05 -9.37 -22.95
CA PHE A 450 -1.04 -8.37 -22.59
C PHE A 450 -1.09 -7.18 -23.55
N PRO A 451 -1.31 -5.96 -23.01
CA PRO A 451 -1.55 -4.73 -23.79
C PRO A 451 -0.42 -4.37 -24.75
N ALA A 452 -0.13 -5.26 -25.71
CA ALA A 452 0.95 -5.08 -26.66
C ALA A 452 0.45 -4.36 -27.93
N SER A 453 1.19 -3.32 -28.34
CA SER A 453 0.70 -2.31 -29.30
C SER A 453 -0.54 -1.54 -28.84
N ASP A 454 -0.83 -1.55 -27.54
CA ASP A 454 -1.90 -0.71 -26.96
C ASP A 454 -1.27 0.54 -26.37
N LYS A 455 -1.50 1.68 -27.02
CA LYS A 455 -0.86 2.92 -26.60
C LYS A 455 -1.65 3.69 -25.54
N GLU A 456 -2.88 3.26 -25.27
CA GLU A 456 -3.66 3.80 -24.15
C GLU A 456 -2.92 3.50 -22.81
N PRO A 457 -3.00 4.40 -21.83
CA PRO A 457 -2.18 4.20 -20.63
C PRO A 457 -2.48 2.90 -19.85
N TRP A 458 -1.43 2.19 -19.49
CA TRP A 458 -1.58 0.93 -18.77
C TRP A 458 -0.65 0.93 -17.58
N LEU A 459 -1.12 0.40 -16.47
CA LEU A 459 -0.28 0.22 -15.29
C LEU A 459 -0.15 -1.29 -15.08
N VAL A 460 1.08 -1.78 -15.21
CA VAL A 460 1.38 -3.21 -15.10
C VAL A 460 2.33 -3.51 -13.97
N ASP A 461 1.93 -4.49 -13.15
CA ASP A 461 2.71 -4.94 -12.01
C ASP A 461 3.31 -6.33 -12.28
N PHE A 462 4.62 -6.40 -12.45
CA PHE A 462 5.33 -7.67 -12.67
C PHE A 462 5.84 -8.19 -11.33
N PHE A 463 5.42 -9.38 -10.96
CA PHE A 463 5.62 -9.84 -9.60
C PHE A 463 5.76 -11.35 -9.58
N ALA A 464 6.04 -11.86 -8.39
CA ALA A 464 6.08 -13.28 -8.14
C ALA A 464 5.34 -13.50 -6.86
N PRO A 465 4.42 -14.50 -6.85
CA PRO A 465 3.56 -14.80 -5.70
C PRO A 465 4.32 -15.08 -4.43
N TRP A 466 5.49 -15.71 -4.53
CA TRP A 466 6.30 -16.08 -3.34
C TRP A 466 6.91 -14.86 -2.61
N SER A 467 6.80 -13.69 -3.21
CA SER A 467 7.50 -12.47 -2.77
C SER A 467 6.67 -11.63 -1.79
N PRO A 468 7.11 -11.57 -0.52
CA PRO A 468 6.33 -10.82 0.49
C PRO A 468 6.07 -9.37 0.08
N PRO A 469 7.07 -8.64 -0.49
CA PRO A 469 6.79 -7.29 -1.02
C PRO A 469 5.84 -7.29 -2.19
N SER A 470 5.87 -8.32 -3.03
CA SER A 470 4.89 -8.41 -4.11
C SER A 470 3.48 -8.57 -3.57
N ARG A 471 3.32 -9.37 -2.51
CA ARG A 471 1.97 -9.63 -2.00
C ARG A 471 1.38 -8.38 -1.35
N ALA A 472 2.21 -7.66 -0.61
CA ALA A 472 1.83 -6.39 -0.01
C ALA A 472 1.42 -5.30 -1.03
N LEU A 473 2.07 -5.25 -2.18
CA LEU A 473 1.70 -4.28 -3.22
C LEU A 473 0.28 -4.49 -3.79
N LEU A 474 -0.10 -5.74 -4.03
CA LEU A 474 -1.37 -6.08 -4.71
C LEU A 474 -2.60 -5.30 -4.17
N PRO A 475 -2.89 -5.30 -2.85
CA PRO A 475 -4.06 -4.49 -2.39
C PRO A 475 -3.95 -2.98 -2.67
N GLU A 476 -2.74 -2.44 -2.57
CA GLU A 476 -2.53 -1.02 -2.81
C GLU A 476 -2.86 -0.67 -4.25
N LEU A 477 -2.55 -1.60 -5.15
CA LEU A 477 -2.86 -1.47 -6.55
C LEU A 477 -4.38 -1.57 -6.78
N ARG A 478 -5.05 -2.48 -6.08
CA ARG A 478 -6.49 -2.51 -6.17
C ARG A 478 -7.05 -1.14 -5.73
N LYS A 479 -6.50 -0.57 -4.66
CA LYS A 479 -7.02 0.69 -4.17
C LYS A 479 -6.84 1.75 -5.23
N ALA A 480 -5.62 1.85 -5.75
CA ALA A 480 -5.30 2.86 -6.76
C ALA A 480 -6.18 2.69 -7.97
N SER A 481 -6.55 1.45 -8.30
CA SER A 481 -7.29 1.17 -9.52
C SER A 481 -8.73 1.64 -9.45
N THR A 482 -9.29 1.75 -8.26
CA THR A 482 -10.66 2.22 -8.19
C THR A 482 -10.72 3.71 -8.52
N LEU A 483 -9.72 4.46 -8.10
CA LEU A 483 -9.56 5.87 -8.47
C LEU A 483 -9.13 6.11 -9.94
N LEU A 484 -8.61 5.07 -10.59
CA LEU A 484 -8.14 5.24 -11.96
C LEU A 484 -9.08 4.67 -13.05
N TYR A 485 -10.30 4.34 -12.66
CA TYR A 485 -11.19 3.66 -13.58
C TYR A 485 -11.53 4.59 -14.75
N GLY A 486 -11.25 4.12 -15.97
CA GLY A 486 -11.50 4.89 -17.18
C GLY A 486 -10.36 5.83 -17.54
N GLN A 487 -9.35 5.90 -16.68
CA GLN A 487 -8.19 6.77 -16.89
C GLN A 487 -7.01 5.93 -17.34
N LEU A 488 -6.79 4.81 -16.67
CA LEU A 488 -5.84 3.83 -17.18
C LEU A 488 -6.22 2.42 -16.78
N LYS A 489 -5.72 1.45 -17.52
CA LYS A 489 -6.02 0.05 -17.20
C LYS A 489 -4.93 -0.52 -16.34
N VAL A 490 -5.32 -1.22 -15.28
CA VAL A 490 -4.40 -1.89 -14.36
C VAL A 490 -4.40 -3.43 -14.49
N GLY A 491 -3.20 -4.01 -14.57
CA GLY A 491 -3.07 -5.46 -14.57
C GLY A 491 -1.84 -5.94 -13.82
N THR A 492 -1.90 -7.21 -13.41
CA THR A 492 -0.75 -7.89 -12.80
C THR A 492 -0.26 -8.96 -13.74
N LEU A 493 1.04 -9.19 -13.68
CA LEU A 493 1.65 -10.30 -14.40
C LEU A 493 2.50 -11.14 -13.45
N ASP A 494 2.11 -12.40 -13.35
CA ASP A 494 2.81 -13.37 -12.54
C ASP A 494 4.01 -13.91 -13.34
N CYS A 495 5.20 -13.38 -13.02
CA CYS A 495 6.47 -13.73 -13.68
C CYS A 495 6.91 -15.17 -13.44
N THR A 496 6.44 -15.75 -12.35
CA THR A 496 6.67 -17.14 -12.01
C THR A 496 6.01 -18.04 -13.06
N ILE A 497 4.91 -17.58 -13.64
CA ILE A 497 4.25 -18.36 -14.65
C ILE A 497 4.74 -17.95 -16.00
N HIS A 498 4.81 -16.64 -16.21
CA HIS A 498 5.13 -16.07 -17.51
C HIS A 498 6.56 -15.48 -17.52
N GLU A 499 7.54 -16.34 -17.33
CA GLU A 499 8.91 -15.95 -17.25
C GLU A 499 9.37 -15.28 -18.53
N GLY A 500 9.11 -15.92 -19.67
CA GLY A 500 9.39 -15.34 -20.97
C GLY A 500 9.00 -13.87 -20.98
N LEU A 501 7.75 -13.60 -20.66
CA LEU A 501 7.16 -12.28 -20.77
C LEU A 501 7.88 -11.31 -19.84
N CYS A 502 8.18 -11.77 -18.63
CA CYS A 502 8.94 -10.95 -17.70
C CYS A 502 10.38 -10.69 -18.19
N ASN A 503 11.01 -11.68 -18.79
CA ASN A 503 12.32 -11.47 -19.32
C ASN A 503 12.29 -10.41 -20.41
N MET A 504 11.27 -10.40 -21.25
CA MET A 504 11.28 -9.45 -22.38
C MET A 504 11.00 -7.98 -21.98
N TYR A 505 10.53 -7.77 -20.74
CA TYR A 505 10.44 -6.44 -20.16
C TYR A 505 11.55 -6.19 -19.16
N ASN A 506 12.57 -7.05 -19.17
CA ASN A 506 13.77 -6.76 -18.39
C ASN A 506 13.47 -6.53 -16.89
N ILE A 507 12.48 -7.26 -16.38
CA ILE A 507 12.16 -7.27 -14.96
C ILE A 507 13.30 -7.89 -14.16
N GLN A 508 13.97 -7.12 -13.35
CA GLN A 508 15.10 -7.64 -12.59
C GLN A 508 14.79 -7.89 -11.11
N ALA A 509 13.57 -7.56 -10.68
CA ALA A 509 13.17 -7.66 -9.25
C ALA A 509 11.64 -7.65 -9.04
N TYR A 510 11.19 -8.27 -7.94
CA TYR A 510 9.76 -8.34 -7.63
C TYR A 510 9.37 -7.48 -6.44
N PRO A 511 8.35 -6.63 -6.58
CA PRO A 511 7.60 -6.36 -7.81
C PRO A 511 8.25 -5.25 -8.62
N THR A 512 7.86 -5.13 -9.89
CA THR A 512 8.29 -3.98 -10.68
C THR A 512 7.05 -3.43 -11.32
N THR A 513 6.76 -2.18 -11.01
CA THR A 513 5.55 -1.53 -11.49
C THR A 513 5.93 -0.51 -12.55
N VAL A 514 5.18 -0.56 -13.65
CA VAL A 514 5.49 0.18 -14.87
C VAL A 514 4.22 0.78 -15.48
N VAL A 515 4.32 2.03 -15.93
CA VAL A 515 3.25 2.64 -16.71
C VAL A 515 3.69 2.65 -18.15
N PHE A 516 2.78 2.19 -19.02
CA PHE A 516 2.94 2.24 -20.47
C PHE A 516 2.01 3.34 -20.96
N ASN A 517 2.57 4.27 -21.72
CA ASN A 517 1.83 5.39 -22.26
C ASN A 517 2.50 5.97 -23.51
N GLN A 518 1.77 5.91 -24.62
CA GLN A 518 2.26 6.37 -25.92
C GLN A 518 3.74 5.99 -26.17
N SER A 519 3.99 4.71 -26.37
CA SER A 519 5.32 4.21 -26.79
C SER A 519 6.41 4.47 -25.74
N SER A 520 6.01 5.06 -24.63
CA SER A 520 6.93 5.31 -23.53
C SER A 520 6.64 4.33 -22.37
N ILE A 521 7.63 4.18 -21.51
CA ILE A 521 7.60 3.20 -20.45
C ILE A 521 8.28 3.82 -19.23
N HIS A 522 7.53 3.93 -18.13
CA HIS A 522 8.03 4.58 -16.91
C HIS A 522 7.94 3.61 -15.74
N GLU A 523 9.05 3.48 -15.01
CA GLU A 523 9.16 2.54 -13.90
C GLU A 523 9.00 3.29 -12.58
N TYR A 524 8.17 2.76 -11.68
CA TYR A 524 7.92 3.39 -10.37
C TYR A 524 8.89 2.90 -9.33
N GLU A 525 9.48 3.82 -8.56
CA GLU A 525 10.49 3.47 -7.56
C GLU A 525 10.10 3.95 -6.15
N GLY A 526 8.84 4.29 -5.96
CA GLY A 526 8.38 4.83 -4.67
C GLY A 526 7.94 3.75 -3.69
N HIS A 527 7.25 4.18 -2.65
CA HIS A 527 6.83 3.31 -1.56
C HIS A 527 5.52 2.64 -1.94
N HIS A 528 5.41 1.31 -1.76
CA HIS A 528 4.20 0.58 -2.14
C HIS A 528 2.96 1.01 -1.37
N SER A 529 2.35 2.08 -1.86
CA SER A 529 1.26 2.75 -1.21
C SER A 529 0.37 3.33 -2.29
N ALA A 530 -0.95 3.17 -2.12
CA ALA A 530 -1.91 3.72 -3.06
C ALA A 530 -1.66 5.21 -3.33
N GLU A 531 -1.46 5.99 -2.26
CA GLU A 531 -1.14 7.42 -2.33
C GLU A 531 -0.02 7.73 -3.31
N GLN A 532 1.10 7.06 -3.10
CA GLN A 532 2.34 7.35 -3.81
C GLN A 532 2.28 6.89 -5.27
N ILE A 533 1.63 5.74 -5.50
CA ILE A 533 1.41 5.24 -6.84
C ILE A 533 0.57 6.25 -7.62
N LEU A 534 -0.46 6.78 -6.98
CA LEU A 534 -1.32 7.80 -7.59
C LEU A 534 -0.58 9.10 -7.91
N GLU A 535 0.24 9.58 -6.98
CA GLU A 535 1.08 10.75 -7.18
C GLU A 535 1.91 10.61 -8.44
N PHE A 536 2.49 9.43 -8.60
CA PHE A 536 3.39 9.10 -9.69
C PHE A 536 2.64 9.09 -11.03
N ILE A 537 1.44 8.51 -11.02
CA ILE A 537 0.58 8.52 -12.19
C ILE A 537 0.14 9.96 -12.57
N GLU A 538 -0.30 10.74 -11.60
CA GLU A 538 -0.69 12.13 -11.86
C GLU A 538 0.47 12.96 -12.45
N ASP A 539 1.68 12.65 -12.02
CA ASP A 539 2.84 13.36 -12.53
C ASP A 539 3.16 12.98 -13.99
N LEU A 540 2.93 11.73 -14.37
CA LEU A 540 3.00 11.35 -15.78
C LEU A 540 1.92 12.02 -16.62
N ARG A 541 0.76 12.23 -15.99
CA ARG A 541 -0.41 12.77 -16.65
C ARG A 541 -0.25 14.26 -16.89
N ASN A 542 0.17 15.00 -15.87
CA ASN A 542 0.64 16.39 -16.06
C ASN A 542 2.14 16.53 -15.81
N PRO A 543 2.96 16.20 -16.83
CA PRO A 543 4.42 16.22 -16.65
C PRO A 543 4.96 17.63 -16.39
N SER A 544 6.16 17.68 -15.79
CA SER A 544 6.89 18.91 -15.55
C SER A 544 7.21 19.66 -16.84
N VAL A 545 7.51 18.92 -17.92
CA VAL A 545 7.71 19.50 -19.25
C VAL A 545 6.33 19.61 -19.89
N VAL A 546 5.84 20.83 -20.10
CA VAL A 546 4.56 20.99 -20.78
C VAL A 546 4.78 20.86 -22.26
N SER A 547 4.10 19.89 -22.86
CA SER A 547 4.19 19.64 -24.28
C SER A 547 3.28 20.60 -25.01
N LEU A 548 3.87 21.46 -25.83
CA LEU A 548 3.18 22.63 -26.33
C LEU A 548 2.69 22.48 -27.76
N THR A 549 1.67 23.27 -28.10
CA THR A 549 1.13 23.36 -29.46
C THR A 549 1.44 24.77 -29.92
N PRO A 550 1.25 25.07 -31.22
CA PRO A 550 1.41 26.47 -31.63
C PRO A 550 0.42 27.38 -30.91
N SER A 551 -0.76 26.84 -30.58
CA SER A 551 -1.79 27.57 -29.83
C SER A 551 -1.46 27.70 -28.33
N THR A 552 -1.02 26.62 -27.70
CA THR A 552 -0.69 26.70 -26.26
C THR A 552 0.62 27.44 -26.03
N PHE A 553 1.48 27.47 -27.04
CA PHE A 553 2.65 28.34 -26.98
C PHE A 553 2.23 29.80 -26.97
N ASN A 554 1.24 30.15 -27.78
CA ASN A 554 0.80 31.52 -27.80
C ASN A 554 0.12 31.91 -26.50
N GLU A 555 -0.74 31.06 -25.97
CA GLU A 555 -1.48 31.38 -24.76
C GLU A 555 -0.60 31.32 -23.52
N LEU A 556 0.27 30.31 -23.49
CA LEU A 556 1.06 30.05 -22.31
C LEU A 556 2.35 30.81 -22.26
N VAL A 557 3.06 30.89 -23.38
CA VAL A 557 4.39 31.48 -23.38
C VAL A 557 4.34 32.94 -23.75
N LYS A 558 3.86 33.24 -24.96
CA LYS A 558 3.81 34.59 -25.46
C LYS A 558 3.02 35.49 -24.52
N GLN A 559 1.93 34.97 -23.99
CA GLN A 559 1.02 35.78 -23.17
C GLN A 559 1.12 35.40 -21.71
N ARG A 560 2.29 34.87 -21.34
CA ARG A 560 2.63 34.60 -19.95
C ARG A 560 2.45 35.87 -19.10
N LYS A 561 2.14 35.72 -17.81
CA LYS A 561 2.05 36.88 -16.92
C LYS A 561 3.45 37.50 -16.82
N HIS A 562 3.50 38.78 -16.45
CA HIS A 562 4.79 39.51 -16.51
C HIS A 562 5.93 38.92 -15.68
N ASP A 563 5.61 38.30 -14.55
CA ASP A 563 6.65 37.72 -13.70
C ASP A 563 6.88 36.21 -13.89
N GLU A 564 6.25 35.62 -14.90
CA GLU A 564 6.51 34.23 -15.31
C GLU A 564 7.63 34.15 -16.34
N VAL A 565 8.43 33.10 -16.25
CA VAL A 565 9.47 32.84 -17.24
C VAL A 565 9.29 31.45 -17.79
N TRP A 566 9.79 31.20 -19.00
CA TRP A 566 9.66 29.91 -19.64
C TRP A 566 10.93 29.46 -20.32
N MET A 567 11.21 28.14 -20.24
CA MET A 567 12.25 27.54 -21.07
C MET A 567 11.59 26.58 -22.05
N VAL A 568 11.93 26.70 -23.33
CA VAL A 568 11.33 25.85 -24.36
C VAL A 568 12.32 25.08 -25.20
N ASP A 569 12.09 23.79 -25.33
CA ASP A 569 12.91 22.92 -26.18
C ASP A 569 12.19 22.72 -27.50
N PHE A 570 12.76 23.29 -28.55
CA PHE A 570 12.30 23.06 -29.88
C PHE A 570 13.07 21.89 -30.41
N TYR A 571 12.40 20.76 -30.61
CA TYR A 571 13.08 19.52 -30.97
C TYR A 571 12.43 18.78 -32.15
N SER A 572 13.12 17.75 -32.63
CA SER A 572 12.54 16.79 -33.58
C SER A 572 12.86 15.40 -33.06
N PRO A 573 11.90 14.48 -33.18
CA PRO A 573 12.16 13.09 -32.78
C PRO A 573 13.33 12.48 -33.54
N TRP A 574 13.62 12.98 -34.73
CA TRP A 574 14.65 12.40 -35.62
C TRP A 574 16.03 13.06 -35.48
N SER A 575 16.18 13.90 -34.46
CA SER A 575 17.46 14.54 -34.16
C SER A 575 18.17 13.82 -33.00
N HIS A 576 19.43 13.45 -33.19
CA HIS A 576 20.18 12.74 -32.16
C HIS A 576 20.39 13.60 -30.92
N PRO A 577 20.98 14.81 -31.10
CA PRO A 577 21.12 15.74 -29.97
C PRO A 577 19.79 16.05 -29.27
N SER A 578 18.67 16.06 -30.01
CA SER A 578 17.36 16.17 -29.38
C SER A 578 17.05 14.97 -28.48
N GLN A 579 17.19 13.76 -29.01
CA GLN A 579 16.96 12.52 -28.24
C GLN A 579 17.83 12.45 -26.98
N VAL A 580 19.06 12.92 -27.11
CA VAL A 580 19.96 13.05 -25.96
C VAL A 580 19.44 14.09 -24.94
N LEU A 581 18.94 15.21 -25.42
CA LEU A 581 18.52 16.29 -24.55
C LEU A 581 17.29 15.94 -23.70
N MET A 582 16.31 15.29 -24.33
CA MET A 582 15.00 15.06 -23.73
C MET A 582 15.05 14.58 -22.28
N PRO A 583 15.81 13.50 -21.99
CA PRO A 583 15.91 13.06 -20.59
C PRO A 583 16.54 14.08 -19.65
N GLU A 584 17.48 14.90 -20.13
CA GLU A 584 18.07 15.95 -19.30
C GLU A 584 17.07 17.07 -19.14
N TRP A 585 16.30 17.32 -20.19
CA TRP A 585 15.31 18.36 -20.16
C TRP A 585 14.26 18.02 -19.11
N LYS A 586 13.82 16.75 -19.09
CA LYS A 586 12.83 16.27 -18.11
C LYS A 586 13.29 16.31 -16.65
N ARG A 587 14.54 15.96 -16.40
CA ARG A 587 15.08 15.94 -15.04
C ARG A 587 15.24 17.39 -14.55
N MET A 588 15.74 18.27 -15.42
CA MET A 588 15.83 19.68 -15.11
C MET A 588 14.49 20.29 -14.67
N ALA A 589 13.45 20.03 -15.48
CA ALA A 589 12.13 20.59 -15.28
C ALA A 589 11.51 20.24 -13.94
N ARG A 590 11.69 19.00 -13.52
CA ARG A 590 11.14 18.49 -12.26
C ARG A 590 11.69 19.26 -11.07
N THR A 591 12.95 19.63 -11.24
CA THR A 591 13.73 20.42 -10.34
C THR A 591 13.25 21.90 -10.25
N LEU A 592 12.67 22.43 -11.34
CA LEU A 592 12.25 23.82 -11.45
C LEU A 592 10.75 24.13 -11.16
N THR A 593 9.97 23.11 -10.82
CA THR A 593 8.57 23.28 -10.41
C THR A 593 8.42 24.52 -9.55
N GLY A 594 7.45 25.37 -9.88
CA GLY A 594 7.22 26.63 -9.15
C GLY A 594 8.22 27.78 -9.40
N LEU A 595 9.28 27.53 -10.18
CA LEU A 595 10.30 28.58 -10.39
C LEU A 595 10.37 29.01 -11.84
N ILE A 596 10.45 28.03 -12.75
CA ILE A 596 10.54 28.30 -14.17
C ILE A 596 9.58 27.34 -14.82
N ASN A 597 8.67 27.84 -15.65
CA ASN A 597 7.83 26.97 -16.45
C ASN A 597 8.66 26.35 -17.55
N VAL A 598 8.44 25.07 -17.82
CA VAL A 598 9.25 24.37 -18.83
C VAL A 598 8.35 23.71 -19.86
N GLY A 599 8.70 23.89 -21.13
CA GLY A 599 7.94 23.29 -22.22
C GLY A 599 8.79 22.70 -23.33
N SER A 600 8.11 22.06 -24.28
CA SER A 600 8.76 21.51 -25.45
C SER A 600 7.83 21.58 -26.67
N VAL A 601 8.43 21.62 -27.86
CA VAL A 601 7.70 21.82 -29.11
C VAL A 601 8.24 20.88 -30.17
N ASP A 602 7.42 19.92 -30.56
CA ASP A 602 7.82 18.96 -31.57
C ASP A 602 7.73 19.61 -32.95
N CYS A 603 8.90 20.04 -33.45
CA CYS A 603 9.05 20.64 -34.77
C CYS A 603 8.85 19.69 -35.96
N GLY A 604 8.77 18.39 -35.71
CA GLY A 604 8.39 17.43 -36.74
C GLY A 604 6.91 17.63 -37.05
N GLN A 605 6.09 17.62 -36.01
CA GLN A 605 4.63 17.76 -36.12
C GLN A 605 4.17 19.19 -36.44
N TYR A 606 4.93 20.18 -35.96
CA TYR A 606 4.57 21.59 -36.10
C TYR A 606 5.60 22.37 -36.91
N HIS A 607 5.95 21.81 -38.06
CA HIS A 607 7.01 22.35 -38.91
C HIS A 607 6.82 23.84 -39.21
N SER A 608 5.74 24.20 -39.88
CA SER A 608 5.56 25.59 -40.30
C SER A 608 5.60 26.60 -39.13
N PHE A 609 5.11 26.19 -37.97
CA PHE A 609 5.20 27.02 -36.76
C PHE A 609 6.63 27.13 -36.22
N CYS A 610 7.44 26.09 -36.41
CA CYS A 610 8.83 26.16 -35.99
C CYS A 610 9.63 27.03 -36.95
N THR A 611 9.22 27.00 -38.22
CA THR A 611 9.78 27.86 -39.26
C THR A 611 9.39 29.32 -38.99
N GLN A 612 8.15 29.51 -38.53
CA GLN A 612 7.64 30.79 -38.12
C GLN A 612 8.49 31.39 -36.99
N GLU A 613 8.94 30.53 -36.09
CA GLU A 613 9.66 30.98 -34.90
C GLU A 613 11.16 31.04 -35.17
N ASN A 614 11.54 30.72 -36.41
CA ASN A 614 12.91 30.86 -36.91
C ASN A 614 13.89 29.85 -36.28
N VAL A 615 13.40 28.64 -36.04
CA VAL A 615 14.23 27.56 -35.50
C VAL A 615 15.09 26.95 -36.61
N GLN A 616 16.41 27.01 -36.45
CA GLN A 616 17.32 26.59 -37.52
C GLN A 616 18.09 25.28 -37.28
N ARG A 617 18.23 24.91 -36.02
CA ARG A 617 18.97 23.73 -35.57
C ARG A 617 18.13 22.94 -34.55
N TYR A 618 18.32 21.62 -34.51
CA TYR A 618 17.71 20.83 -33.46
C TYR A 618 18.77 20.21 -32.55
N PRO A 619 18.59 20.31 -31.22
CA PRO A 619 17.51 21.02 -30.54
C PRO A 619 17.84 22.50 -30.33
N GLU A 620 16.83 23.32 -30.09
CA GLU A 620 17.08 24.71 -29.81
C GLU A 620 16.40 25.09 -28.50
N ILE A 621 17.20 25.57 -27.55
CA ILE A 621 16.74 25.92 -26.21
C ILE A 621 16.63 27.43 -26.04
N ARG A 622 15.45 27.90 -25.64
CA ARG A 622 15.11 29.35 -25.55
C ARG A 622 14.53 29.69 -24.19
N PHE A 623 14.99 30.81 -23.64
CA PHE A 623 14.49 31.31 -22.36
C PHE A 623 13.64 32.54 -22.63
N TYR A 624 12.40 32.50 -22.15
CA TYR A 624 11.51 33.65 -22.27
C TYR A 624 11.40 34.40 -20.93
N PRO A 625 12.00 35.59 -20.88
CA PRO A 625 12.25 36.27 -19.61
C PRO A 625 11.03 36.97 -19.00
N GLN A 626 11.19 37.51 -17.79
CA GLN A 626 10.21 38.40 -17.19
C GLN A 626 10.02 39.57 -18.09
N LYS A 627 8.76 39.93 -18.33
CA LYS A 627 8.47 41.00 -19.23
C LYS A 627 8.88 42.31 -18.55
N SER A 628 9.66 43.12 -19.26
CA SER A 628 10.16 44.37 -18.71
C SER A 628 10.53 45.32 -19.86
N SER A 629 11.06 46.49 -19.48
CA SER A 629 11.59 47.49 -20.41
C SER A 629 12.62 47.02 -21.43
N LYS A 630 13.31 45.91 -21.18
CA LYS A 630 14.22 45.32 -22.18
C LYS A 630 13.54 44.79 -23.47
N ALA A 631 14.28 44.87 -24.58
CA ALA A 631 13.81 44.46 -25.91
C ALA A 631 14.06 42.98 -26.32
N TYR A 632 14.45 42.10 -25.38
CA TYR A 632 14.75 40.71 -25.78
C TYR A 632 13.60 39.75 -25.58
N GLN A 633 12.99 39.32 -26.70
CA GLN A 633 11.91 38.33 -26.68
C GLN A 633 12.31 37.08 -25.92
N TYR A 634 13.56 36.66 -26.13
CA TYR A 634 14.09 35.40 -25.64
C TYR A 634 15.63 35.35 -25.71
N HIS A 635 16.21 34.32 -25.09
CA HIS A 635 17.64 34.04 -25.25
C HIS A 635 17.85 32.60 -25.69
N SER A 636 18.78 32.36 -26.58
CA SER A 636 19.11 31.00 -26.98
C SER A 636 20.27 30.52 -26.17
N TYR A 637 20.16 29.34 -25.60
CA TYR A 637 21.30 28.77 -24.92
C TYR A 637 22.30 28.34 -25.99
N ASN A 638 23.53 28.82 -25.93
CA ASN A 638 24.52 28.30 -26.85
C ASN A 638 25.67 27.57 -26.17
N GLY A 639 25.55 27.31 -24.87
CA GLY A 639 26.59 26.65 -24.06
C GLY A 639 26.89 25.25 -24.54
N TRP A 640 28.07 24.76 -24.19
CA TRP A 640 28.60 23.51 -24.73
C TRP A 640 27.88 22.30 -24.11
N ASN A 641 27.64 22.36 -22.81
CA ASN A 641 27.00 21.28 -22.07
C ASN A 641 25.50 21.46 -22.01
N ARG A 642 24.79 20.40 -22.34
CA ARG A 642 23.32 20.38 -22.29
C ARG A 642 22.76 19.38 -21.27
N ASP A 643 23.52 19.14 -20.21
CA ASP A 643 23.02 18.39 -19.05
C ASP A 643 22.05 19.22 -18.18
N ALA A 644 21.27 18.54 -17.34
CA ALA A 644 20.28 19.19 -16.47
C ALA A 644 20.84 20.31 -15.57
N TYR A 645 21.94 20.02 -14.86
CA TYR A 645 22.59 21.06 -14.03
C TYR A 645 22.96 22.31 -14.84
N SER A 646 23.61 22.14 -15.98
CA SER A 646 23.96 23.32 -16.79
C SER A 646 22.73 24.13 -17.15
N LEU A 647 21.66 23.46 -17.56
CA LEU A 647 20.48 24.16 -18.01
C LEU A 647 19.72 24.81 -16.87
N ARG A 648 19.57 24.07 -15.76
CA ARG A 648 18.97 24.62 -14.55
C ARG A 648 19.71 25.91 -14.23
N SER A 649 21.04 25.84 -14.22
CA SER A 649 21.89 26.96 -13.83
C SER A 649 21.77 28.17 -14.77
N TRP A 650 21.72 27.89 -16.06
CA TRP A 650 21.54 28.90 -17.06
C TRP A 650 20.20 29.63 -16.90
N GLY A 651 19.15 28.86 -16.61
CA GLY A 651 17.82 29.43 -16.46
C GLY A 651 17.70 30.26 -15.19
N LEU A 652 18.12 29.68 -14.07
CA LEU A 652 18.09 30.39 -12.79
C LEU A 652 18.91 31.68 -12.85
N GLY A 653 19.87 31.73 -13.78
CA GLY A 653 20.72 32.90 -13.99
C GLY A 653 20.04 34.17 -14.49
N PHE A 654 18.89 34.04 -15.12
CA PHE A 654 18.15 35.23 -15.59
C PHE A 654 17.30 35.85 -14.47
N LEU A 655 16.99 35.07 -13.43
CA LEU A 655 16.11 35.53 -12.35
C LEU A 655 16.79 36.60 -11.44
N PRO A 656 15.99 37.47 -10.80
CA PRO A 656 16.57 38.67 -10.18
C PRO A 656 17.49 38.39 -8.99
N GLN A 657 18.53 39.21 -8.86
CA GLN A 657 19.40 39.20 -7.69
C GLN A 657 18.60 39.62 -6.47
N ALA A 658 18.70 38.85 -5.40
CA ALA A 658 18.10 39.24 -4.14
C ALA A 658 19.13 39.40 -3.00
N SER A 659 20.35 38.89 -3.21
CA SER A 659 21.44 39.13 -2.27
C SER A 659 21.97 40.57 -2.43
N ILE A 660 22.76 41.03 -1.46
CA ILE A 660 23.55 42.24 -1.63
C ILE A 660 25.07 41.95 -1.60
N ASP A 661 25.83 42.71 -2.38
CA ASP A 661 27.28 42.56 -2.44
C ASP A 661 27.93 43.35 -1.28
N LEU A 662 28.53 42.63 -0.35
CA LEU A 662 29.17 43.24 0.82
C LEU A 662 30.63 43.61 0.59
N THR A 663 31.08 44.66 1.26
CA THR A 663 32.50 45.04 1.33
C THR A 663 32.94 44.63 2.73
N PRO A 664 34.26 44.73 3.06
CA PRO A 664 34.72 44.45 4.43
C PRO A 664 33.96 45.22 5.50
N GLN A 665 33.68 46.49 5.21
CA GLN A 665 33.01 47.36 6.15
C GLN A 665 31.54 46.99 6.29
N THR A 666 30.85 46.74 5.18
CA THR A 666 29.45 46.39 5.30
C THR A 666 29.29 44.98 5.84
N PHE A 667 30.27 44.13 5.58
CA PHE A 667 30.22 42.81 6.14
C PHE A 667 30.35 42.85 7.66
N ASN A 668 31.30 43.63 8.19
CA ASN A 668 31.44 43.75 9.62
C ASN A 668 30.25 44.45 10.25
N GLU A 669 29.83 45.54 9.62
CA GLU A 669 28.76 46.38 10.17
C GLU A 669 27.40 45.69 10.16
N LYS A 670 27.04 45.05 9.05
CA LYS A 670 25.68 44.53 8.86
C LYS A 670 25.52 43.07 9.19
N VAL A 671 26.56 42.26 9.02
CA VAL A 671 26.48 40.88 9.46
C VAL A 671 27.06 40.67 10.88
N LEU A 672 28.31 41.05 11.08
CA LEU A 672 28.96 40.76 12.34
C LEU A 672 28.40 41.61 13.48
N GLN A 673 28.24 42.90 13.23
CA GLN A 673 27.73 43.80 14.27
C GLN A 673 26.25 44.10 14.09
N GLY A 674 25.52 43.16 13.50
CA GLY A 674 24.12 43.37 13.15
C GLY A 674 23.13 42.74 14.12
N LYS A 675 21.84 42.83 13.79
CA LYS A 675 20.79 42.22 14.57
C LYS A 675 19.84 41.34 13.76
N THR A 676 20.36 40.76 12.67
CA THR A 676 19.58 39.81 11.87
C THR A 676 20.36 38.62 11.40
N HIS A 677 19.58 37.66 10.93
CA HIS A 677 20.08 36.44 10.35
C HIS A 677 20.57 36.70 8.92
N TRP A 678 21.73 36.13 8.61
CA TRP A 678 22.33 36.24 7.27
C TRP A 678 22.82 34.91 6.78
N VAL A 679 22.74 34.73 5.47
CA VAL A 679 23.45 33.68 4.77
C VAL A 679 24.43 34.39 3.81
N VAL A 680 25.70 34.00 3.83
CA VAL A 680 26.71 34.68 3.02
C VAL A 680 27.50 33.67 2.16
N ASP A 681 27.55 34.00 0.87
CA ASP A 681 28.30 33.27 -0.12
C ASP A 681 29.66 33.95 -0.29
N PHE A 682 30.71 33.27 0.15
CA PHE A 682 32.07 33.75 0.00
C PHE A 682 32.65 33.11 -1.25
N TYR A 683 32.90 33.92 -2.28
CA TYR A 683 33.21 33.35 -3.61
C TYR A 683 34.42 34.02 -4.25
N ALA A 684 34.83 33.50 -5.42
CA ALA A 684 35.81 34.19 -6.25
C ALA A 684 35.37 34.15 -7.69
N PRO A 685 35.40 35.32 -8.36
CA PRO A 685 34.94 35.46 -9.76
C PRO A 685 35.59 34.47 -10.75
N TRP A 686 36.86 34.12 -10.56
CA TRP A 686 37.50 33.19 -11.49
C TRP A 686 37.02 31.74 -11.30
N SER A 687 36.24 31.49 -10.26
CA SER A 687 35.96 30.13 -9.83
C SER A 687 34.73 29.55 -10.53
N GLY A 688 34.96 28.49 -11.30
CA GLY A 688 33.88 27.77 -12.02
C GLY A 688 32.77 27.39 -11.05
N PRO A 689 33.12 26.64 -9.98
CA PRO A 689 32.14 26.28 -8.97
C PRO A 689 31.45 27.48 -8.29
N SER A 690 32.12 28.62 -8.20
CA SER A 690 31.46 29.86 -7.73
C SER A 690 30.39 30.33 -8.70
N GLN A 691 30.73 30.34 -10.00
CA GLN A 691 29.81 30.75 -11.04
C GLN A 691 28.63 29.81 -11.12
N ASN A 692 28.89 28.51 -11.12
CA ASN A 692 27.83 27.54 -11.17
C ASN A 692 26.81 27.65 -10.02
N PHE A 693 27.26 28.11 -8.86
CA PHE A 693 26.38 28.15 -7.69
C PHE A 693 25.69 29.51 -7.51
N ALA A 694 26.20 30.52 -8.21
CA ALA A 694 25.69 31.89 -8.07
C ALA A 694 24.17 31.98 -8.35
N PRO A 695 23.71 31.40 -9.49
CA PRO A 695 22.26 31.50 -9.69
C PRO A 695 21.50 30.71 -8.62
N GLU A 696 22.03 29.56 -8.21
CA GLU A 696 21.47 28.79 -7.10
C GLU A 696 21.36 29.63 -5.79
N PHE A 697 22.44 30.31 -5.42
CA PHE A 697 22.44 31.21 -4.27
C PHE A 697 21.38 32.34 -4.31
N GLU A 698 21.19 32.96 -5.47
CA GLU A 698 20.13 33.93 -5.67
C GLU A 698 18.73 33.34 -5.53
N LEU A 699 18.58 32.04 -5.82
CA LEU A 699 17.29 31.39 -5.59
C LEU A 699 17.08 31.31 -4.08
N LEU A 700 18.10 30.87 -3.36
CA LEU A 700 18.05 30.81 -1.90
C LEU A 700 17.63 32.18 -1.34
N ALA A 701 18.27 33.24 -1.84
CA ALA A 701 18.05 34.60 -1.34
C ALA A 701 16.59 35.00 -1.53
N ARG A 702 16.05 34.68 -2.73
CA ARG A 702 14.62 34.92 -3.03
C ARG A 702 13.70 34.11 -2.12
N MET A 703 14.00 32.82 -1.96
CA MET A 703 13.10 31.97 -1.18
C MET A 703 12.92 32.46 0.28
N ILE A 704 14.03 32.89 0.88
CA ILE A 704 14.07 33.19 2.30
C ILE A 704 13.84 34.66 2.65
N LYS A 705 13.70 35.50 1.61
CA LYS A 705 13.44 36.91 1.81
C LYS A 705 12.32 37.10 2.83
N GLY A 706 12.59 37.93 3.83
CA GLY A 706 11.58 38.23 4.85
C GLY A 706 11.94 37.59 6.17
N LYS A 707 12.79 36.57 6.12
CA LYS A 707 13.21 35.87 7.32
C LYS A 707 14.71 35.97 7.51
N VAL A 708 15.46 35.88 6.42
CA VAL A 708 16.91 35.88 6.42
C VAL A 708 17.42 36.72 5.24
N ARG A 709 18.46 37.52 5.46
CA ARG A 709 19.08 38.32 4.40
C ARG A 709 20.27 37.55 3.80
N ALA A 710 20.62 37.85 2.54
CA ALA A 710 21.68 37.14 1.81
C ALA A 710 22.77 38.08 1.32
N GLY A 711 24.03 37.68 1.53
CA GLY A 711 25.18 38.49 1.14
C GLY A 711 26.16 37.72 0.29
N LYS A 712 27.08 38.44 -0.33
CA LYS A 712 28.09 37.83 -1.15
C LYS A 712 29.35 38.59 -0.85
N VAL A 713 30.43 37.86 -0.60
CA VAL A 713 31.73 38.48 -0.38
C VAL A 713 32.68 37.96 -1.44
N ASP A 714 33.24 38.90 -2.18
CA ASP A 714 34.21 38.57 -3.20
C ASP A 714 35.58 38.44 -2.53
N CYS A 715 36.04 37.20 -2.37
CA CYS A 715 37.28 36.93 -1.62
C CYS A 715 38.53 37.39 -2.36
N GLN A 716 38.44 37.48 -3.68
CA GLN A 716 39.51 38.03 -4.47
C GLN A 716 39.66 39.51 -4.15
N ALA A 717 38.57 40.27 -4.23
CA ALA A 717 38.68 41.70 -3.89
C ALA A 717 39.09 41.87 -2.44
N TYR A 718 38.60 40.98 -1.58
CA TYR A 718 38.81 41.11 -0.15
C TYR A 718 39.29 39.82 0.55
N PRO A 719 40.55 39.42 0.30
CA PRO A 719 41.04 38.13 0.85
C PRO A 719 41.16 38.15 2.39
N GLN A 720 41.42 39.34 2.91
CA GLN A 720 41.54 39.63 4.32
C GLN A 720 40.25 39.30 5.08
N THR A 721 39.13 39.74 4.51
CA THR A 721 37.81 39.47 5.06
C THR A 721 37.51 37.98 5.02
N CYS A 722 37.88 37.33 3.92
CA CYS A 722 37.58 35.93 3.78
C CYS A 722 38.40 35.05 4.73
N GLN A 723 39.68 35.39 4.86
CA GLN A 723 40.58 34.73 5.78
C GLN A 723 40.06 34.77 7.22
N LYS A 724 39.71 35.97 7.70
CA LYS A 724 39.12 36.12 9.05
C LYS A 724 37.82 35.33 9.25
N ALA A 725 37.06 35.12 8.17
CA ALA A 725 35.86 34.28 8.22
C ALA A 725 36.17 32.77 8.06
N GLY A 726 37.46 32.46 7.87
CA GLY A 726 37.88 31.07 7.81
C GLY A 726 37.48 30.38 6.52
N ILE A 727 37.49 31.12 5.44
CA ILE A 727 37.11 30.60 4.12
C ILE A 727 38.30 29.93 3.45
N LYS A 728 38.26 28.61 3.31
CA LYS A 728 39.36 27.89 2.71
C LYS A 728 39.32 27.94 1.19
N ALA A 729 38.12 27.72 0.62
CA ALA A 729 37.93 27.62 -0.82
C ALA A 729 36.53 28.10 -1.24
N TYR A 730 36.28 28.13 -2.55
CA TYR A 730 35.19 28.92 -3.11
C TYR A 730 34.36 28.01 -3.98
N PRO A 731 33.01 28.09 -3.88
CA PRO A 731 32.32 28.98 -2.93
C PRO A 731 32.20 28.35 -1.54
N SER A 732 32.16 29.18 -0.51
CA SER A 732 31.73 28.73 0.82
C SER A 732 30.50 29.51 1.24
N VAL A 733 29.61 28.84 1.98
CA VAL A 733 28.37 29.47 2.48
C VAL A 733 28.39 29.44 3.98
N LYS A 734 28.17 30.59 4.62
CA LYS A 734 28.03 30.63 6.09
C LYS A 734 26.67 31.19 6.56
N LEU A 735 26.14 30.60 7.63
CA LEU A 735 24.90 31.01 8.22
C LEU A 735 25.20 31.78 9.49
N TYR A 736 24.52 32.91 9.65
CA TYR A 736 24.67 33.75 10.82
C TYR A 736 23.30 33.90 11.43
N GLN A 737 23.17 33.45 12.68
CA GLN A 737 21.94 33.54 13.45
C GLN A 737 22.09 34.58 14.55
N TYR A 738 21.18 35.55 14.56
CA TYR A 738 21.14 36.49 15.67
C TYR A 738 20.29 35.91 16.77
N GLU A 739 20.84 35.88 17.99
CA GLU A 739 20.09 35.52 19.18
C GLU A 739 19.96 36.77 20.03
N ARG A 740 18.75 37.33 20.02
CA ARG A 740 18.44 38.59 20.72
C ARG A 740 18.72 38.57 22.23
N ALA A 741 18.50 37.42 22.86
CA ALA A 741 18.69 37.27 24.30
C ALA A 741 20.15 37.36 24.72
N LYS A 742 21.06 37.07 23.79
CA LYS A 742 22.48 37.10 24.09
C LYS A 742 23.20 38.22 23.35
N LYS A 743 22.44 39.04 22.61
CA LYS A 743 23.01 40.14 21.82
C LYS A 743 24.22 39.68 20.98
N SER A 744 24.06 38.54 20.30
CA SER A 744 25.18 37.93 19.60
C SER A 744 24.80 37.12 18.36
N ILE A 745 25.79 36.92 17.49
CA ILE A 745 25.65 36.26 16.22
C ILE A 745 26.34 34.91 16.31
N TRP A 746 25.65 33.82 15.98
CA TRP A 746 26.31 32.51 15.87
C TRP A 746 26.67 32.24 14.40
N GLU A 747 27.86 31.72 14.19
CA GLU A 747 28.39 31.52 12.85
C GLU A 747 28.48 30.02 12.54
N GLU A 748 28.04 29.63 11.35
CA GLU A 748 27.97 28.22 10.94
C GLU A 748 28.25 28.01 9.46
N GLN A 749 28.92 26.90 9.11
CA GLN A 749 29.14 26.51 7.70
C GLN A 749 27.99 25.67 7.15
N ILE A 750 27.64 25.93 5.89
CA ILE A 750 26.64 25.18 5.16
C ILE A 750 27.36 24.39 4.05
N ASN A 751 27.18 23.07 4.05
CA ASN A 751 27.83 22.23 3.05
C ASN A 751 26.97 21.90 1.82
N SER A 752 25.65 21.99 1.99
CA SER A 752 24.71 21.84 0.88
C SER A 752 24.87 22.95 -0.14
N ARG A 753 24.66 22.59 -1.39
CA ARG A 753 24.69 23.56 -2.48
C ARG A 753 23.33 23.64 -3.19
N ASP A 754 22.29 23.20 -2.48
CA ASP A 754 20.93 23.13 -3.04
C ASP A 754 20.02 24.09 -2.29
N ALA A 755 19.47 25.08 -2.99
CA ALA A 755 18.65 26.13 -2.38
C ALA A 755 17.60 25.58 -1.42
N LYS A 756 16.79 24.63 -1.89
CA LYS A 756 15.71 24.06 -1.09
C LYS A 756 16.21 23.42 0.19
N THR A 757 17.35 22.73 0.10
CA THR A 757 17.93 22.04 1.23
C THR A 757 18.43 23.06 2.27
N ILE A 758 19.24 24.01 1.83
CA ILE A 758 19.74 25.08 2.68
C ILE A 758 18.58 25.82 3.37
N ALA A 759 17.54 26.17 2.61
CA ALA A 759 16.39 26.88 3.17
C ALA A 759 15.80 26.12 4.35
N ALA A 760 15.44 24.85 4.12
CA ALA A 760 14.86 24.01 5.18
C ALA A 760 15.80 24.00 6.39
N LEU A 761 17.05 23.64 6.16
CA LEU A 761 18.04 23.65 7.21
C LEU A 761 18.04 24.95 7.99
N ILE A 762 17.91 26.08 7.31
CA ILE A 762 17.89 27.37 7.99
C ILE A 762 16.60 27.59 8.81
N TYR A 763 15.43 27.34 8.21
CA TYR A 763 14.16 27.51 8.93
C TYR A 763 14.12 26.61 10.14
N GLY A 764 14.53 25.35 9.94
CA GLY A 764 14.61 24.38 11.01
C GLY A 764 15.38 24.92 12.21
N LYS A 765 16.45 25.67 11.93
CA LYS A 765 17.31 26.20 12.98
C LYS A 765 16.79 27.48 13.62
N LEU A 766 15.93 28.21 12.91
CA LEU A 766 15.45 29.51 13.40
C LEU A 766 14.40 29.47 14.52
N GLU A 767 13.91 28.28 14.86
CA GLU A 767 12.91 28.19 15.93
C GLU A 767 13.50 27.57 17.18
N THR A 768 14.72 27.09 17.05
CA THR A 768 15.42 26.45 18.15
C THR A 768 16.58 27.32 18.62
#